data_2R8K
#
_entry.id   2R8K
#
_cell.length_a   103.740
_cell.length_b   103.740
_cell.length_c   292.810
_cell.angle_alpha   90.00
_cell.angle_beta   90.00
_cell.angle_gamma   90.00
#
_symmetry.space_group_name_H-M   'P 41 21 2'
#
loop_
_entity.id
_entity.type
_entity.pdbx_description
1 polymer "5'-D(*DGP*DTP*DGP*DGP*DTP*DGP*DAP*DGP*DC)-3'"
2 polymer "5'-D(P*DGP*DGP*DCP*DTP*DCP*DAP*DCP*DCP*DAP*DC)-3'"
3 polymer 'DNA polymerase eta'
4 non-polymer Cisplatin
5 non-polymer 'CALCIUM ION'
6 non-polymer "2'-DEOXYADENOSINE 5'-TRIPHOSPHATE"
#
loop_
_entity_poly.entity_id
_entity_poly.type
_entity_poly.pdbx_seq_one_letter_code
_entity_poly.pdbx_strand_id
1 'polydeoxyribonucleotide' (DG)(DT)(DG)(DG)(DT)(DG)(DA)(DG)(DC) Q,P
2 'polydeoxyribonucleotide' (DG)(DG)(DC)(DT)(DC)(DA)(DC)(DC)(DA)(DC) U,T
3 'polypeptide(L)'
;MASWSHPQFEKGASTSLYKKAGRMSKFTWKELIQLGSPSKAYESSLACIAHIDMNAFFAQVEQMRCGLSKEDPVVCVQWN
SIIAVSYAARKYGISRMDTIQEALKKCSNLIPIHTAVFKKGEDFWQYHDGCGSWVQDPAKQISVEDHKVSLEPYRRESRK
ALKIFKSACDLVERASIDEVFLDLGRICFNMLMFDNEYELTGDLKLKDALSNIREAFIGGNYDINSHLPLIPEKIKSLKF
EGDVFNPEGRDLITDWDDVILALGSQVCKGIRDSIKDILGYTTSCGLSSTKNVCKLASNYKKPDAQTIVKNDCLLDFLDC
GKFEITSFWTLGGVLGKELIDVLDLPHENSIKHIRETWPDNAGQLKEFLDAKVKQSDYDRSTSNIDPLKTADLAEKLFKL
SRGRYGLPLSSRPVVKSMMSNKNLRGKSCNSIVDCISWLEVFCAELTSRIQDLEQEYNKIVIPRTVSISLKTKSYEVYRK
SGPVAYKGINFQSHELLKVGIKFVTDLDIKGKNKSYYPLTKLSMTITNFDIIDLQKTVVDMFGNQVHTFKSSAG
;
A,B
#
loop_
_chem_comp.id
_chem_comp.type
_chem_comp.name
_chem_comp.formula
CA non-polymer 'CALCIUM ION' 'Ca 2'
CPT non-polymer Cisplatin 'Cl2 H6 N2 Pt'
DA DNA linking 2'-DEOXYADENOSINE-5'-MONOPHOSPHATE 'C10 H14 N5 O6 P'
DC DNA linking 2'-DEOXYCYTIDINE-5'-MONOPHOSPHATE 'C9 H14 N3 O7 P'
DG DNA linking 2'-DEOXYGUANOSINE-5'-MONOPHOSPHATE 'C10 H14 N5 O7 P'
DT DNA linking THYMIDINE-5'-MONOPHOSPHATE 'C10 H15 N2 O8 P'
DTP non-polymer '2'-DEOXYADENOSINE 5'-TRIPHOSPHATE' 'C10 H16 N5 O12 P3'
#
# COMPACT_ATOMS: atom_id res chain seq x y z
N GLY E 22 3.91 8.08 33.20
CA GLY E 22 4.44 9.49 33.28
C GLY E 22 5.95 9.55 33.09
N ARG E 23 6.46 10.75 32.78
CA ARG E 23 7.88 10.97 32.56
C ARG E 23 8.33 10.39 31.21
N MET E 24 7.35 9.87 30.46
CA MET E 24 7.58 9.25 29.15
C MET E 24 6.23 8.76 28.59
N SER E 25 6.01 9.00 27.30
CA SER E 25 4.77 8.60 26.63
C SER E 25 4.37 7.15 26.87
N LYS E 26 3.08 6.86 26.70
CA LYS E 26 2.54 5.52 26.90
C LYS E 26 2.70 4.65 25.66
N PHE E 27 2.89 5.28 24.51
CA PHE E 27 3.05 4.56 23.26
C PHE E 27 4.52 4.41 22.87
N THR E 28 4.86 3.26 22.31
CA THR E 28 6.23 2.98 21.90
C THR E 28 6.44 3.22 20.41
N TRP E 29 7.70 3.38 20.01
CA TRP E 29 8.04 3.63 18.61
C TRP E 29 7.41 2.62 17.64
N LYS E 30 7.40 1.35 18.04
CA LYS E 30 6.81 0.32 17.19
C LYS E 30 5.42 0.74 16.76
N GLU E 31 4.59 1.07 17.75
CA GLU E 31 3.21 1.49 17.54
C GLU E 31 3.08 2.72 16.64
N LEU E 32 4.07 3.62 16.70
CA LEU E 32 4.04 4.81 15.87
C LEU E 32 4.45 4.48 14.45
N ILE E 33 5.64 3.87 14.30
CA ILE E 33 6.17 3.51 12.99
C ILE E 33 5.20 2.59 12.25
N GLN E 34 4.37 1.87 13.01
CA GLN E 34 3.42 0.95 12.42
C GLN E 34 2.37 1.65 11.57
N LEU E 35 2.18 2.95 11.79
CA LEU E 35 1.20 3.72 11.03
C LEU E 35 1.57 3.81 9.54
N GLY E 36 2.84 3.55 9.23
CA GLY E 36 3.29 3.61 7.85
C GLY E 36 3.15 2.30 7.09
N SER E 37 2.55 1.31 7.74
CA SER E 37 2.35 -0.01 7.14
C SER E 37 0.87 -0.21 6.79
N PRO E 38 0.54 -0.15 5.49
CA PRO E 38 -0.84 -0.35 5.04
C PRO E 38 -1.36 -1.75 5.31
N SER E 39 -0.77 -2.44 6.27
CA SER E 39 -1.19 -3.80 6.58
C SER E 39 -1.37 -4.06 8.07
N LYS E 40 -0.45 -3.55 8.87
CA LYS E 40 -0.52 -3.74 10.31
C LYS E 40 -0.80 -2.41 11.00
N ALA E 41 -1.46 -1.50 10.30
CA ALA E 41 -1.77 -0.18 10.84
C ALA E 41 -2.95 -0.15 11.82
N TYR E 42 -3.99 -0.90 11.53
CA TYR E 42 -5.18 -0.93 12.38
C TYR E 42 -4.93 -1.48 13.79
N GLU E 43 -3.69 -1.86 14.10
CA GLU E 43 -3.35 -2.41 15.40
C GLU E 43 -2.90 -1.38 16.45
N SER E 44 -1.78 -0.73 16.17
CA SER E 44 -1.15 0.26 17.05
C SER E 44 -1.97 0.86 18.19
N SER E 45 -3.26 1.13 17.94
CA SER E 45 -4.14 1.76 18.93
C SER E 45 -3.87 3.25 18.76
N LEU E 46 -2.69 3.54 18.21
CA LEU E 46 -2.27 4.90 17.92
C LEU E 46 -2.89 5.19 16.56
N ALA E 47 -3.69 4.22 16.09
CA ALA E 47 -4.37 4.30 14.81
C ALA E 47 -5.16 5.59 14.67
N CYS E 48 -5.62 5.87 13.45
CA CYS E 48 -6.39 7.08 13.18
C CYS E 48 -7.31 6.86 11.99
N ILE E 49 -8.30 6.00 12.16
CA ILE E 49 -9.24 5.71 11.09
C ILE E 49 -10.33 6.75 11.00
N ALA E 50 -10.99 6.82 9.85
CA ALA E 50 -12.05 7.80 9.63
C ALA E 50 -13.15 7.24 8.74
N HIS E 51 -14.40 7.44 9.16
CA HIS E 51 -15.54 6.97 8.40
C HIS E 51 -16.27 8.16 7.82
N ILE E 52 -16.73 8.05 6.58
CA ILE E 52 -17.41 9.14 5.93
C ILE E 52 -18.66 8.69 5.18
N ASP E 53 -19.80 9.22 5.59
CA ASP E 53 -21.09 8.89 4.99
C ASP E 53 -21.67 10.18 4.41
N MET E 54 -22.32 10.07 3.25
CA MET E 54 -22.93 11.23 2.62
C MET E 54 -24.36 11.43 3.06
N ASN E 55 -24.71 12.67 3.40
CA ASN E 55 -26.03 13.03 3.88
C ASN E 55 -27.08 12.96 2.79
N ALA E 56 -28.27 12.44 3.15
CA ALA E 56 -29.39 12.31 2.21
C ALA E 56 -28.91 12.15 0.77
N PHE E 57 -28.01 11.20 0.56
CA PHE E 57 -27.41 10.93 -0.74
C PHE E 57 -28.31 11.06 -1.97
N PHE E 58 -29.19 10.09 -2.20
CA PHE E 58 -30.08 10.17 -3.37
C PHE E 58 -30.77 11.52 -3.42
N ALA E 59 -31.05 12.07 -2.24
CA ALA E 59 -31.71 13.37 -2.16
C ALA E 59 -30.76 14.42 -2.73
N GLN E 60 -29.48 14.32 -2.36
CA GLN E 60 -28.46 15.26 -2.82
C GLN E 60 -28.15 15.16 -4.31
N VAL E 61 -27.79 13.98 -4.79
CA VAL E 61 -27.45 13.84 -6.21
C VAL E 61 -28.57 14.39 -7.08
N GLU E 62 -29.78 14.45 -6.52
CA GLU E 62 -30.91 15.00 -7.25
C GLU E 62 -30.87 16.50 -7.03
N GLN E 63 -30.76 16.87 -5.75
CA GLN E 63 -30.69 18.28 -5.35
C GLN E 63 -29.62 18.96 -6.18
N MET E 64 -28.66 18.17 -6.66
CA MET E 64 -27.58 18.70 -7.47
C MET E 64 -27.93 18.67 -8.96
N ARG E 65 -28.44 17.55 -9.43
CA ARG E 65 -28.80 17.42 -10.84
C ARG E 65 -29.76 18.49 -11.33
N CYS E 66 -30.70 18.88 -10.49
CA CYS E 66 -31.70 19.88 -10.87
C CYS E 66 -31.30 21.31 -10.47
N GLY E 67 -30.01 21.53 -10.28
CA GLY E 67 -29.53 22.85 -9.90
C GLY E 67 -30.30 23.51 -8.78
N LEU E 68 -30.80 22.73 -7.83
CA LEU E 68 -31.52 23.30 -6.70
C LEU E 68 -30.49 23.68 -5.65
N SER E 69 -30.93 24.27 -4.55
CA SER E 69 -30.01 24.67 -3.50
C SER E 69 -29.99 23.70 -2.32
N LYS E 70 -28.85 23.65 -1.63
CA LYS E 70 -28.68 22.77 -0.48
C LYS E 70 -29.81 22.91 0.53
N GLU E 71 -30.55 24.02 0.46
CA GLU E 71 -31.63 24.23 1.41
C GLU E 71 -33.03 24.24 0.84
N ASP E 72 -33.28 23.43 -0.17
CA ASP E 72 -34.61 23.34 -0.75
C ASP E 72 -35.20 22.01 -0.30
N PRO E 73 -36.42 22.04 0.24
CA PRO E 73 -37.09 20.83 0.71
C PRO E 73 -37.31 19.85 -0.45
N VAL E 74 -36.23 19.19 -0.84
CA VAL E 74 -36.27 18.23 -1.94
C VAL E 74 -36.27 16.82 -1.35
N VAL E 75 -37.12 15.97 -1.88
CA VAL E 75 -37.21 14.59 -1.41
C VAL E 75 -37.06 13.67 -2.61
N CYS E 76 -36.57 12.46 -2.38
CA CYS E 76 -36.37 11.50 -3.47
C CYS E 76 -37.44 10.41 -3.34
N VAL E 77 -38.36 10.38 -4.29
CA VAL E 77 -39.44 9.40 -4.25
C VAL E 77 -39.32 8.27 -5.26
N GLN E 78 -40.12 7.23 -5.02
CA GLN E 78 -40.15 6.05 -5.86
C GLN E 78 -41.61 5.60 -5.82
N TRP E 79 -42.31 5.73 -6.95
CA TRP E 79 -43.72 5.35 -7.03
C TRP E 79 -44.55 6.24 -6.11
N ASN E 80 -44.77 5.76 -4.88
CA ASN E 80 -45.55 6.50 -3.89
C ASN E 80 -44.85 6.50 -2.54
N SER E 81 -43.56 6.18 -2.52
CA SER E 81 -42.82 6.15 -1.26
C SER E 81 -41.52 6.93 -1.35
N ILE E 82 -41.14 7.54 -0.23
CA ILE E 82 -39.92 8.32 -0.14
C ILE E 82 -38.76 7.42 0.22
N ILE E 83 -37.59 7.68 -0.36
CA ILE E 83 -36.42 6.86 -0.09
C ILE E 83 -35.21 7.67 0.36
N ALA E 84 -35.34 8.98 0.34
CA ALA E 84 -34.25 9.87 0.75
C ALA E 84 -34.83 11.23 1.06
N VAL E 85 -34.48 11.77 2.23
CA VAL E 85 -35.00 13.07 2.64
C VAL E 85 -33.89 14.08 2.93
N SER E 86 -33.78 15.10 2.08
CA SER E 86 -32.77 16.13 2.28
C SER E 86 -33.06 16.73 3.64
N TYR E 87 -32.01 17.19 4.31
CA TYR E 87 -32.18 17.78 5.64
C TYR E 87 -33.04 19.04 5.65
N ALA E 88 -33.18 19.67 4.49
CA ALA E 88 -34.00 20.87 4.42
C ALA E 88 -35.45 20.46 4.67
N ALA E 89 -35.87 19.37 4.03
CA ALA E 89 -37.23 18.88 4.15
C ALA E 89 -37.46 18.08 5.43
N ARG E 90 -36.40 17.80 6.17
CA ARG E 90 -36.56 17.07 7.42
C ARG E 90 -37.06 18.03 8.49
N LYS E 91 -36.71 19.31 8.33
CA LYS E 91 -37.13 20.34 9.26
C LYS E 91 -38.64 20.44 9.38
N TYR E 92 -39.33 19.93 8.36
CA TYR E 92 -40.79 19.94 8.35
C TYR E 92 -41.35 18.65 8.93
N GLY E 93 -40.47 17.82 9.47
CA GLY E 93 -40.90 16.57 10.06
C GLY E 93 -40.93 15.41 9.07
N ILE E 94 -40.74 15.70 7.78
CA ILE E 94 -40.76 14.65 6.78
C ILE E 94 -39.65 13.63 7.09
N SER E 95 -39.98 12.36 6.97
CA SER E 95 -39.01 11.29 7.20
C SER E 95 -39.26 10.22 6.15
N ARG E 96 -38.51 9.13 6.23
CA ARG E 96 -38.65 8.04 5.27
C ARG E 96 -39.97 7.28 5.35
N MET E 97 -40.55 7.25 6.54
CA MET E 97 -41.82 6.54 6.76
C MET E 97 -43.05 7.36 6.39
N ASP E 98 -42.92 8.19 5.36
CA ASP E 98 -44.01 9.03 4.88
C ASP E 98 -44.19 8.84 3.37
N THR E 99 -45.41 9.10 2.89
CA THR E 99 -45.71 8.97 1.47
C THR E 99 -45.82 10.36 0.87
N ILE E 100 -45.29 10.53 -0.34
CA ILE E 100 -45.31 11.82 -1.02
C ILE E 100 -46.57 12.58 -0.65
N GLN E 101 -47.71 11.89 -0.69
CA GLN E 101 -48.98 12.51 -0.34
C GLN E 101 -48.95 13.04 1.09
N GLU E 102 -48.57 12.19 2.02
CA GLU E 102 -48.51 12.59 3.42
C GLU E 102 -47.51 13.71 3.65
N ALA E 103 -46.34 13.58 3.03
CA ALA E 103 -45.28 14.58 3.16
C ALA E 103 -45.69 15.98 2.73
N LEU E 104 -46.46 16.07 1.65
CA LEU E 104 -46.91 17.37 1.16
C LEU E 104 -47.81 18.10 2.15
N LYS E 105 -48.47 17.36 3.03
CA LYS E 105 -49.34 17.98 4.03
C LYS E 105 -48.49 18.49 5.19
N LYS E 106 -47.19 18.19 5.14
CA LYS E 106 -46.25 18.63 6.16
C LYS E 106 -45.45 19.81 5.61
N CYS E 107 -45.43 19.92 4.28
CA CYS E 107 -44.69 20.99 3.62
C CYS E 107 -45.09 21.05 2.15
N SER E 108 -46.06 21.91 1.84
CA SER E 108 -46.56 22.05 0.48
C SER E 108 -45.52 22.49 -0.55
N ASN E 109 -44.41 23.07 -0.09
CA ASN E 109 -43.36 23.50 -1.01
C ASN E 109 -42.31 22.43 -1.21
N LEU E 110 -42.63 21.21 -0.77
CA LEU E 110 -41.71 20.08 -0.91
C LEU E 110 -41.44 19.90 -2.40
N ILE E 111 -40.20 19.57 -2.75
CA ILE E 111 -39.84 19.35 -4.14
C ILE E 111 -39.58 17.86 -4.32
N PRO E 112 -40.63 17.09 -4.63
CA PRO E 112 -40.44 15.65 -4.82
C PRO E 112 -39.87 15.32 -6.18
N ILE E 113 -38.79 14.55 -6.20
CA ILE E 113 -38.14 14.17 -7.44
C ILE E 113 -38.04 12.64 -7.55
N HIS E 114 -38.65 12.10 -8.60
CA HIS E 114 -38.66 10.65 -8.83
C HIS E 114 -37.37 10.17 -9.49
N THR E 115 -36.91 8.99 -9.09
CA THR E 115 -35.69 8.42 -9.63
C THR E 115 -35.86 8.15 -11.12
N ALA E 116 -34.75 7.91 -11.81
CA ALA E 116 -34.77 7.61 -13.24
C ALA E 116 -35.31 6.20 -13.41
N VAL E 117 -35.91 5.92 -14.56
CA VAL E 117 -36.46 4.59 -14.78
C VAL E 117 -36.37 4.08 -16.21
N PHE E 118 -36.43 2.76 -16.37
CA PHE E 118 -36.41 2.13 -17.69
C PHE E 118 -37.87 1.93 -18.05
N LYS E 119 -38.17 1.88 -19.35
CA LYS E 119 -39.54 1.67 -19.79
C LYS E 119 -39.59 0.30 -20.44
N LYS E 120 -40.62 -0.47 -20.15
CA LYS E 120 -40.76 -1.80 -20.73
C LYS E 120 -40.54 -1.70 -22.23
N GLY E 121 -39.47 -2.34 -22.73
CA GLY E 121 -39.19 -2.32 -24.15
C GLY E 121 -37.98 -1.52 -24.58
N GLU E 122 -37.61 -0.51 -23.79
CA GLU E 122 -36.45 0.33 -24.11
C GLU E 122 -35.21 -0.15 -23.36
N ASP E 123 -34.05 0.01 -24.00
CA ASP E 123 -32.79 -0.43 -23.41
C ASP E 123 -31.99 0.73 -22.84
N PHE E 124 -32.69 1.68 -22.23
CA PHE E 124 -32.04 2.84 -21.67
C PHE E 124 -32.96 3.49 -20.64
N TRP E 125 -32.42 3.89 -19.50
CA TRP E 125 -33.25 4.53 -18.50
C TRP E 125 -33.35 6.01 -18.83
N GLN E 126 -34.18 6.73 -18.09
CA GLN E 126 -34.37 8.14 -18.33
C GLN E 126 -34.96 8.86 -17.12
N TYR E 127 -34.86 10.19 -17.09
CA TYR E 127 -35.37 10.99 -15.99
C TYR E 127 -36.65 11.70 -16.40
N HIS E 128 -37.77 11.27 -15.83
CA HIS E 128 -39.06 11.85 -16.15
C HIS E 128 -39.44 12.98 -15.20
N ASP E 129 -38.64 14.05 -15.21
CA ASP E 129 -38.89 15.21 -14.36
C ASP E 129 -40.22 15.85 -14.68
N GLY E 130 -40.86 16.39 -13.64
CA GLY E 130 -42.16 17.01 -13.83
C GLY E 130 -43.26 15.97 -13.66
N CYS E 131 -42.87 14.70 -13.77
CA CYS E 131 -43.80 13.58 -13.64
C CYS E 131 -43.73 12.95 -12.25
N GLY E 132 -44.81 12.27 -11.86
CA GLY E 132 -44.86 11.64 -10.55
C GLY E 132 -46.28 11.44 -10.07
N SER E 133 -46.51 10.38 -9.29
CA SER E 133 -47.84 10.09 -8.78
C SER E 133 -48.52 11.27 -8.09
N TRP E 134 -47.73 12.17 -7.51
CA TRP E 134 -48.25 13.34 -6.82
C TRP E 134 -48.70 14.42 -7.80
N VAL E 135 -48.53 14.16 -9.09
CA VAL E 135 -48.93 15.11 -10.11
C VAL E 135 -50.39 14.87 -10.49
N GLN E 136 -51.15 15.95 -10.62
CA GLN E 136 -52.57 15.85 -10.96
C GLN E 136 -52.77 15.32 -12.38
N ASP E 137 -52.15 15.97 -13.35
CA ASP E 137 -52.24 15.57 -14.75
C ASP E 137 -52.11 14.05 -14.88
N PRO E 138 -53.18 13.38 -15.36
CA PRO E 138 -53.20 11.93 -15.54
C PRO E 138 -52.37 11.42 -16.72
N ALA E 139 -51.52 12.29 -17.26
CA ALA E 139 -50.67 11.93 -18.38
C ALA E 139 -49.20 12.00 -17.95
N LYS E 140 -48.94 12.78 -16.90
CA LYS E 140 -47.59 12.95 -16.37
C LYS E 140 -47.30 11.94 -15.26
N GLN E 141 -47.90 10.76 -15.36
CA GLN E 141 -47.70 9.72 -14.37
C GLN E 141 -46.64 8.72 -14.82
N ILE E 142 -46.01 8.06 -13.84
CA ILE E 142 -44.99 7.06 -14.10
C ILE E 142 -45.46 5.74 -13.49
N SER E 143 -46.37 5.07 -14.19
CA SER E 143 -46.92 3.81 -13.72
C SER E 143 -45.82 2.83 -13.34
N VAL E 144 -46.03 2.12 -12.23
CA VAL E 144 -45.06 1.14 -11.78
C VAL E 144 -45.35 -0.17 -12.50
N GLU E 145 -46.23 -0.09 -13.49
CA GLU E 145 -46.62 -1.26 -14.28
C GLU E 145 -45.68 -1.51 -15.44
N ASP E 146 -45.24 -0.45 -16.11
CA ASP E 146 -44.36 -0.58 -17.25
C ASP E 146 -43.02 0.10 -17.01
N HIS E 147 -42.70 0.35 -15.73
CA HIS E 147 -41.45 1.01 -15.41
C HIS E 147 -40.68 0.31 -14.30
N LYS E 148 -39.36 0.45 -14.36
CA LYS E 148 -38.48 -0.13 -13.36
C LYS E 148 -37.46 0.92 -12.93
N VAL E 149 -37.37 1.15 -11.62
CA VAL E 149 -36.44 2.12 -11.08
C VAL E 149 -34.98 1.81 -11.41
N SER E 150 -34.22 2.84 -11.72
CA SER E 150 -32.81 2.71 -12.03
C SER E 150 -31.99 3.44 -10.96
N LEU E 151 -30.81 2.92 -10.66
CA LEU E 151 -29.96 3.55 -9.64
C LEU E 151 -28.57 3.86 -10.18
N GLU E 152 -28.42 3.89 -11.49
CA GLU E 152 -27.11 4.18 -12.05
C GLU E 152 -26.65 5.55 -11.58
N PRO E 153 -27.50 6.58 -11.74
CA PRO E 153 -27.16 7.94 -11.34
C PRO E 153 -26.49 7.98 -9.98
N TYR E 154 -27.08 7.29 -9.02
CA TYR E 154 -26.53 7.24 -7.67
C TYR E 154 -25.22 6.47 -7.63
N ARG E 155 -25.11 5.43 -8.46
CA ARG E 155 -23.87 4.67 -8.50
C ARG E 155 -22.81 5.53 -9.19
N ARG E 156 -23.20 6.13 -10.31
CA ARG E 156 -22.31 7.00 -11.08
C ARG E 156 -21.63 8.01 -10.17
N GLU E 157 -22.43 8.63 -9.29
CA GLU E 157 -21.90 9.63 -8.36
C GLU E 157 -21.06 9.00 -7.27
N SER E 158 -21.58 7.92 -6.69
CA SER E 158 -20.87 7.22 -5.63
C SER E 158 -19.40 7.03 -6.00
N ARG E 159 -19.16 6.48 -7.18
CA ARG E 159 -17.79 6.24 -7.64
C ARG E 159 -16.97 7.53 -7.69
N LYS E 160 -17.52 8.57 -8.32
CA LYS E 160 -16.81 9.84 -8.40
C LYS E 160 -16.23 10.14 -7.03
N ALA E 161 -17.11 10.31 -6.05
CA ALA E 161 -16.69 10.58 -4.69
C ALA E 161 -15.56 9.65 -4.30
N LEU E 162 -15.69 8.38 -4.67
CA LEU E 162 -14.68 7.40 -4.34
C LEU E 162 -13.34 7.73 -5.01
N LYS E 163 -13.38 8.08 -6.29
CA LYS E 163 -12.17 8.43 -7.00
C LYS E 163 -11.49 9.60 -6.28
N ILE E 164 -12.31 10.56 -5.84
CA ILE E 164 -11.80 11.71 -5.12
C ILE E 164 -11.19 11.28 -3.80
N PHE E 165 -11.62 10.13 -3.28
CA PHE E 165 -11.07 9.63 -2.04
C PHE E 165 -9.73 8.95 -2.27
N LYS E 166 -9.72 7.95 -3.14
CA LYS E 166 -8.51 7.21 -3.45
C LYS E 166 -7.33 8.11 -3.87
N SER E 167 -7.60 9.37 -4.16
CA SER E 167 -6.54 10.28 -4.56
C SER E 167 -5.94 11.00 -3.36
N ALA E 168 -6.62 10.92 -2.22
CA ALA E 168 -6.14 11.58 -1.02
C ALA E 168 -5.77 10.59 0.07
N CYS E 169 -6.10 9.32 -0.14
CA CYS E 169 -5.80 8.29 0.84
C CYS E 169 -5.37 7.00 0.14
N ASP E 170 -4.24 6.44 0.57
CA ASP E 170 -3.71 5.22 -0.03
C ASP E 170 -4.52 3.97 0.28
N LEU E 171 -5.20 3.97 1.42
CA LEU E 171 -6.01 2.82 1.80
C LEU E 171 -7.43 3.28 2.08
N VAL E 172 -8.35 2.93 1.19
CA VAL E 172 -9.75 3.33 1.29
C VAL E 172 -10.70 2.14 1.16
N GLU E 173 -11.55 1.93 2.16
CA GLU E 173 -12.52 0.84 2.12
C GLU E 173 -13.91 1.38 1.79
N ARG E 174 -14.58 0.74 0.83
CA ARG E 174 -15.92 1.16 0.46
C ARG E 174 -16.98 0.40 1.25
N ALA E 175 -17.49 1.02 2.31
CA ALA E 175 -18.50 0.41 3.16
C ALA E 175 -19.77 0.08 2.40
N SER E 176 -20.33 1.09 1.73
CA SER E 176 -21.54 0.91 0.95
C SER E 176 -21.57 1.94 -0.15
N ILE E 177 -22.72 2.10 -0.79
CA ILE E 177 -22.82 3.05 -1.88
C ILE E 177 -22.46 4.48 -1.46
N ASP E 178 -22.82 4.87 -0.24
CA ASP E 178 -22.53 6.23 0.21
C ASP E 178 -21.54 6.33 1.38
N GLU E 179 -20.90 5.22 1.74
CA GLU E 179 -19.96 5.23 2.86
C GLU E 179 -18.60 4.68 2.50
N VAL E 180 -17.56 5.21 3.15
CA VAL E 180 -16.19 4.76 2.94
C VAL E 180 -15.34 4.99 4.18
N PHE E 181 -14.45 4.06 4.48
CA PHE E 181 -13.54 4.22 5.62
C PHE E 181 -12.20 4.66 5.05
N LEU E 182 -11.41 5.37 5.86
CA LEU E 182 -10.10 5.84 5.41
C LEU E 182 -9.05 5.52 6.44
N ASP E 183 -7.89 5.04 5.99
CA ASP E 183 -6.81 4.73 6.91
C ASP E 183 -5.83 5.89 6.84
N LEU E 184 -6.08 6.91 7.65
CA LEU E 184 -5.22 8.09 7.69
C LEU E 184 -3.87 7.84 8.35
N GLY E 185 -3.46 6.59 8.40
CA GLY E 185 -2.19 6.25 9.02
C GLY E 185 -1.00 6.96 8.39
N ARG E 186 -0.65 6.55 7.18
CA ARG E 186 0.48 7.13 6.46
C ARG E 186 0.50 8.65 6.46
N ILE E 187 -0.59 9.26 6.00
CA ILE E 187 -0.70 10.71 5.92
C ILE E 187 -0.43 11.42 7.25
N CYS E 188 -0.89 10.83 8.34
CA CYS E 188 -0.66 11.44 9.65
C CYS E 188 0.80 11.30 10.04
N PHE E 189 1.32 10.08 9.93
CA PHE E 189 2.71 9.84 10.28
C PHE E 189 3.64 10.77 9.49
N ASN E 190 3.47 10.79 8.18
CA ASN E 190 4.31 11.62 7.32
C ASN E 190 4.23 13.09 7.73
N MET E 191 3.02 13.53 8.04
CA MET E 191 2.84 14.92 8.43
C MET E 191 3.55 15.15 9.76
N LEU E 192 3.38 14.20 10.67
CA LEU E 192 3.99 14.29 11.99
C LEU E 192 5.52 14.28 11.92
N MET E 193 6.06 13.79 10.81
CA MET E 193 7.51 13.70 10.68
C MET E 193 8.21 14.53 9.61
N PHE E 194 7.62 14.64 8.42
CA PHE E 194 8.29 15.38 7.36
C PHE E 194 7.62 16.64 6.84
N ASP E 195 6.47 17.01 7.41
CA ASP E 195 5.78 18.21 6.95
C ASP E 195 6.48 19.47 7.46
N ASN E 196 7.02 20.27 6.54
CA ASN E 196 7.70 21.50 6.90
C ASN E 196 6.93 22.72 6.42
N GLU E 197 5.61 22.61 6.41
CA GLU E 197 4.75 23.70 5.95
C GLU E 197 3.72 24.08 7.01
N TYR E 198 2.89 23.11 7.41
CA TYR E 198 1.85 23.31 8.39
C TYR E 198 2.23 24.26 9.52
N GLU E 199 1.35 25.22 9.80
CA GLU E 199 1.57 26.21 10.85
C GLU E 199 0.55 26.05 11.98
N LEU E 200 1.00 26.21 13.22
CA LEU E 200 0.09 26.09 14.37
C LEU E 200 -0.56 27.43 14.69
N THR E 201 0.22 28.50 14.53
CA THR E 201 -0.25 29.87 14.78
C THR E 201 0.73 30.86 14.15
N GLY E 202 0.82 32.05 14.71
CA GLY E 202 1.73 33.05 14.18
C GLY E 202 3.16 32.63 14.53
N ASP E 203 3.97 32.41 13.52
CA ASP E 203 5.37 32.00 13.70
C ASP E 203 5.53 30.82 14.67
N LEU E 204 5.20 29.63 14.16
CA LEU E 204 5.32 28.37 14.91
C LEU E 204 4.88 27.20 14.04
N LYS E 205 5.82 26.67 13.26
CA LYS E 205 5.54 25.54 12.39
C LYS E 205 5.85 24.22 13.08
N LEU E 206 5.20 23.15 12.63
CA LEU E 206 5.40 21.83 13.22
C LEU E 206 6.86 21.38 13.24
N LYS E 207 7.67 21.89 12.31
CA LYS E 207 9.06 21.52 12.25
C LYS E 207 9.86 21.96 13.47
N ASP E 208 9.32 22.92 14.22
CA ASP E 208 9.99 23.42 15.40
C ASP E 208 9.32 22.89 16.67
N ALA E 209 8.01 22.65 16.58
CA ALA E 209 7.26 22.14 17.71
C ALA E 209 7.55 20.66 17.97
N LEU E 210 7.83 19.92 16.90
CA LEU E 210 8.11 18.50 17.02
C LEU E 210 9.56 18.14 16.69
N SER E 211 10.47 19.08 16.92
CA SER E 211 11.88 18.86 16.63
C SER E 211 12.44 17.66 17.39
N ASN E 212 12.10 17.60 18.67
CA ASN E 212 12.58 16.51 19.52
C ASN E 212 12.21 15.14 18.94
N ILE E 213 10.91 14.95 18.67
CA ILE E 213 10.43 13.67 18.13
C ILE E 213 10.98 13.37 16.74
N ARG E 214 11.13 14.40 15.92
CA ARG E 214 11.64 14.22 14.56
C ARG E 214 13.15 13.95 14.56
N GLU E 215 13.89 14.71 15.35
CA GLU E 215 15.33 14.51 15.43
C GLU E 215 15.61 13.11 15.93
N ALA E 216 14.78 12.63 16.85
CA ALA E 216 14.96 11.29 17.39
C ALA E 216 14.67 10.23 16.34
N PHE E 217 13.70 10.51 15.47
CA PHE E 217 13.31 9.58 14.42
C PHE E 217 14.45 9.25 13.46
N ILE E 218 15.03 10.26 12.84
CA ILE E 218 16.13 10.03 11.91
C ILE E 218 17.32 9.46 12.66
N GLY E 219 17.53 9.94 13.87
CA GLY E 219 18.64 9.46 14.66
C GLY E 219 18.68 7.95 14.73
N GLY E 220 17.50 7.34 14.69
CA GLY E 220 17.41 5.89 14.75
C GLY E 220 17.84 5.37 16.10
N ASN E 221 18.44 6.24 16.90
CA ASN E 221 18.89 5.90 18.23
C ASN E 221 17.70 5.58 19.13
N TYR E 222 17.16 4.37 19.00
CA TYR E 222 16.03 3.96 19.80
C TYR E 222 15.69 2.50 19.52
N ASP E 223 15.13 1.83 20.53
CA ASP E 223 14.73 0.44 20.38
C ASP E 223 13.24 0.52 20.03
N ILE E 224 12.81 -0.23 19.03
CA ILE E 224 11.41 -0.19 18.61
C ILE E 224 10.43 -0.53 19.74
N ASN E 225 10.95 -0.65 20.95
CA ASN E 225 10.11 -0.96 22.11
C ASN E 225 10.21 0.13 23.16
N SER E 226 11.01 1.16 22.87
CA SER E 226 11.19 2.27 23.79
C SER E 226 9.99 3.20 23.68
N HIS E 227 9.36 3.47 24.82
CA HIS E 227 8.20 4.36 24.85
C HIS E 227 8.59 5.74 24.32
N LEU E 228 7.80 6.26 23.39
CA LEU E 228 8.05 7.57 22.79
C LEU E 228 8.21 8.63 23.89
N PRO E 229 8.84 9.77 23.55
CA PRO E 229 9.04 10.84 24.52
C PRO E 229 7.73 11.57 24.77
N LEU E 230 7.61 12.25 25.91
CA LEU E 230 6.39 13.00 26.23
C LEU E 230 6.13 14.05 25.17
N ILE E 231 4.88 14.16 24.72
CA ILE E 231 4.54 15.16 23.70
C ILE E 231 5.07 16.52 24.14
N PRO E 232 5.73 17.24 23.24
CA PRO E 232 6.27 18.56 23.56
C PRO E 232 5.20 19.57 23.93
N GLU E 233 5.42 20.25 25.06
CA GLU E 233 4.49 21.25 25.57
C GLU E 233 3.97 22.15 24.45
N LYS E 234 4.83 22.42 23.48
CA LYS E 234 4.49 23.29 22.36
C LYS E 234 3.41 22.71 21.42
N ILE E 235 3.32 21.38 21.33
CA ILE E 235 2.34 20.76 20.44
C ILE E 235 0.89 20.93 20.90
N LYS E 236 0.70 21.24 22.18
CA LYS E 236 -0.64 21.40 22.71
C LYS E 236 -1.46 22.49 22.02
N SER E 237 -0.78 23.34 21.25
CA SER E 237 -1.47 24.40 20.53
C SER E 237 -1.87 23.91 19.14
N LEU E 238 -2.06 22.59 19.02
CA LEU E 238 -2.48 21.97 17.77
C LEU E 238 -4.00 21.88 17.86
N LYS E 239 -4.70 22.53 16.95
CA LYS E 239 -6.16 22.53 16.97
C LYS E 239 -6.80 21.36 16.22
N PHE E 240 -7.87 20.83 16.78
CA PHE E 240 -8.61 19.74 16.16
C PHE E 240 -9.56 20.35 15.15
N GLU E 241 -9.94 19.57 14.15
CA GLU E 241 -10.85 20.08 13.15
C GLU E 241 -12.17 19.34 13.29
N GLY E 242 -13.19 20.05 13.80
CA GLY E 242 -14.49 19.44 13.98
C GLY E 242 -14.84 19.34 15.47
N ASP E 243 -16.02 18.81 15.76
CA ASP E 243 -16.46 18.67 17.13
C ASP E 243 -15.77 17.52 17.87
N VAL E 244 -15.02 17.86 18.91
CA VAL E 244 -14.33 16.86 19.71
C VAL E 244 -15.22 16.45 20.87
N PHE E 245 -15.72 15.21 20.82
CA PHE E 245 -16.58 14.72 21.89
C PHE E 245 -15.78 14.78 23.19
N ASN E 246 -16.17 15.69 24.08
CA ASN E 246 -15.49 15.86 25.35
C ASN E 246 -16.42 16.35 26.44
N PRO E 247 -17.36 15.49 26.87
CA PRO E 247 -18.32 15.87 27.92
C PRO E 247 -17.69 16.22 29.27
N GLU E 248 -16.71 15.44 29.70
CA GLU E 248 -16.06 15.68 30.99
C GLU E 248 -15.05 16.82 30.93
N GLY E 249 -14.80 17.33 29.73
CA GLY E 249 -13.86 18.43 29.57
C GLY E 249 -12.39 18.10 29.80
N ARG E 250 -11.96 16.92 29.34
CA ARG E 250 -10.57 16.51 29.49
C ARG E 250 -9.72 17.36 28.55
N ASP E 251 -8.41 17.42 28.80
CA ASP E 251 -7.54 18.22 27.92
C ASP E 251 -7.57 17.63 26.52
N LEU E 252 -7.45 18.48 25.51
CA LEU E 252 -7.49 18.03 24.12
C LEU E 252 -6.27 17.24 23.65
N ILE E 253 -5.08 17.74 23.95
CA ILE E 253 -3.85 17.07 23.54
C ILE E 253 -2.95 16.69 24.72
N THR E 254 -2.94 15.40 25.05
CA THR E 254 -2.14 14.90 26.16
C THR E 254 -1.04 13.93 25.74
N ASP E 255 -1.37 13.01 24.83
CA ASP E 255 -0.40 12.04 24.34
C ASP E 255 -0.33 12.10 22.82
N TRP E 256 0.50 11.24 22.23
CA TRP E 256 0.67 11.22 20.78
C TRP E 256 -0.58 10.83 20.00
N ASP E 257 -1.30 9.82 20.48
CA ASP E 257 -2.50 9.37 19.79
C ASP E 257 -3.46 10.53 19.61
N ASP E 258 -3.40 11.50 20.52
CA ASP E 258 -4.26 12.68 20.43
C ASP E 258 -3.70 13.59 19.35
N VAL E 259 -2.38 13.71 19.29
CA VAL E 259 -1.73 14.55 18.29
C VAL E 259 -1.99 14.04 16.88
N ILE E 260 -1.86 12.72 16.70
CA ILE E 260 -2.08 12.09 15.41
C ILE E 260 -3.53 12.24 14.96
N LEU E 261 -4.44 12.09 15.91
CA LEU E 261 -5.86 12.21 15.62
C LEU E 261 -6.20 13.63 15.16
N ALA E 262 -5.58 14.61 15.81
CA ALA E 262 -5.80 16.00 15.47
C ALA E 262 -5.36 16.21 14.01
N LEU E 263 -4.14 15.78 13.69
CA LEU E 263 -3.61 15.90 12.34
C LEU E 263 -4.58 15.22 11.38
N GLY E 264 -5.16 14.11 11.83
CA GLY E 264 -6.12 13.41 10.99
C GLY E 264 -7.27 14.33 10.68
N SER E 265 -7.98 14.78 11.72
CA SER E 265 -9.13 15.66 11.55
C SER E 265 -8.80 16.76 10.57
N GLN E 266 -7.57 17.26 10.64
CA GLN E 266 -7.12 18.31 9.72
C GLN E 266 -7.23 17.77 8.31
N VAL E 267 -6.41 16.76 8.02
CA VAL E 267 -6.39 16.13 6.70
C VAL E 267 -7.79 15.77 6.27
N CYS E 268 -8.49 15.05 7.13
CA CYS E 268 -9.85 14.62 6.87
C CYS E 268 -10.75 15.75 6.39
N LYS E 269 -10.64 16.92 7.02
CA LYS E 269 -11.45 18.07 6.62
C LYS E 269 -11.17 18.39 5.16
N GLY E 270 -9.90 18.44 4.80
CA GLY E 270 -9.52 18.71 3.42
C GLY E 270 -10.26 17.81 2.45
N ILE E 271 -10.08 16.50 2.62
CA ILE E 271 -10.74 15.51 1.76
C ILE E 271 -12.23 15.82 1.62
N ARG E 272 -12.89 15.98 2.75
CA ARG E 272 -14.32 16.27 2.75
C ARG E 272 -14.67 17.58 2.07
N ASP E 273 -13.72 18.51 1.99
CA ASP E 273 -13.97 19.78 1.33
C ASP E 273 -13.93 19.62 -0.18
N SER E 274 -13.01 18.78 -0.67
CA SER E 274 -12.89 18.54 -2.10
C SER E 274 -14.20 18.00 -2.64
N ILE E 275 -14.71 16.96 -1.99
CA ILE E 275 -15.97 16.36 -2.40
C ILE E 275 -16.99 17.49 -2.56
N LYS E 276 -17.12 18.29 -1.51
CA LYS E 276 -18.06 19.40 -1.51
C LYS E 276 -17.84 20.41 -2.63
N ASP E 277 -16.59 20.57 -3.05
CA ASP E 277 -16.28 21.51 -4.12
C ASP E 277 -16.34 20.89 -5.50
N ILE E 278 -15.80 19.68 -5.64
CA ILE E 278 -15.78 18.98 -6.92
C ILE E 278 -17.14 18.38 -7.29
N LEU E 279 -17.88 17.89 -6.29
CA LEU E 279 -19.18 17.29 -6.54
C LEU E 279 -20.31 18.04 -5.83
N GLY E 280 -19.97 18.68 -4.72
CA GLY E 280 -20.96 19.43 -3.97
C GLY E 280 -21.83 18.58 -3.05
N TYR E 281 -21.23 17.58 -2.41
CA TYR E 281 -21.96 16.70 -1.50
C TYR E 281 -21.49 16.90 -0.07
N THR E 282 -22.43 17.17 0.84
CA THR E 282 -22.09 17.36 2.24
C THR E 282 -22.01 15.97 2.88
N THR E 283 -21.16 15.83 3.89
CA THR E 283 -21.02 14.54 4.57
C THR E 283 -20.74 14.66 6.06
N SER E 284 -21.06 13.60 6.79
CA SER E 284 -20.82 13.52 8.22
C SER E 284 -19.59 12.65 8.35
N CYS E 285 -18.74 12.92 9.35
CA CYS E 285 -17.52 12.16 9.50
C CYS E 285 -17.12 11.86 10.94
N GLY E 286 -16.67 10.64 11.18
CA GLY E 286 -16.25 10.24 12.50
C GLY E 286 -14.82 9.74 12.54
N LEU E 287 -14.03 10.25 13.49
CA LEU E 287 -12.63 9.85 13.63
C LEU E 287 -12.37 9.21 14.98
N SER E 288 -11.68 8.08 14.96
CA SER E 288 -11.33 7.37 16.18
C SER E 288 -10.31 6.31 15.80
N SER E 289 -9.94 5.46 16.73
CA SER E 289 -8.96 4.42 16.44
C SER E 289 -9.61 3.10 16.09
N THR E 290 -10.92 3.12 15.88
CA THR E 290 -11.64 1.89 15.54
C THR E 290 -12.76 2.15 14.52
N LYS E 291 -12.76 1.37 13.44
CA LYS E 291 -13.78 1.51 12.41
C LYS E 291 -15.16 1.54 13.04
N ASN E 292 -15.39 0.62 13.98
CA ASN E 292 -16.66 0.52 14.68
C ASN E 292 -17.01 1.83 15.36
N VAL E 293 -16.11 2.31 16.21
CA VAL E 293 -16.34 3.56 16.91
C VAL E 293 -16.54 4.69 15.92
N CYS E 294 -15.83 4.63 14.80
CA CYS E 294 -15.96 5.66 13.77
C CYS E 294 -17.36 5.64 13.19
N LYS E 295 -17.84 4.43 12.87
CA LYS E 295 -19.17 4.25 12.30
C LYS E 295 -20.21 4.98 13.13
N LEU E 296 -20.06 4.90 14.45
CA LEU E 296 -20.99 5.57 15.35
C LEU E 296 -20.84 7.08 15.27
N ALA E 297 -19.62 7.57 15.49
CA ALA E 297 -19.35 9.00 15.47
C ALA E 297 -19.84 9.74 14.24
N SER E 298 -19.69 9.13 13.06
CA SER E 298 -20.11 9.77 11.83
C SER E 298 -21.61 10.03 11.84
N ASN E 299 -22.35 9.11 12.44
CA ASN E 299 -23.79 9.22 12.52
C ASN E 299 -24.26 10.01 13.75
N TYR E 300 -23.31 10.41 14.58
CA TYR E 300 -23.61 11.16 15.80
C TYR E 300 -24.16 12.56 15.50
N LYS E 301 -23.68 13.19 14.43
CA LYS E 301 -24.14 14.52 14.07
C LYS E 301 -24.32 14.63 12.55
N LYS E 302 -25.42 15.23 12.13
CA LYS E 302 -25.72 15.38 10.71
C LYS E 302 -26.59 16.62 10.49
N PRO E 303 -26.46 17.27 9.33
CA PRO E 303 -25.56 16.90 8.24
C PRO E 303 -24.31 17.77 8.24
N ASP E 304 -23.38 17.46 7.34
CA ASP E 304 -22.13 18.19 7.19
C ASP E 304 -21.46 18.53 8.52
N ALA E 305 -20.94 17.51 9.19
CA ALA E 305 -20.26 17.70 10.47
C ALA E 305 -19.17 16.64 10.62
N GLN E 306 -18.33 16.79 11.62
CA GLN E 306 -17.25 15.86 11.85
C GLN E 306 -17.00 15.63 13.34
N THR E 307 -17.44 14.50 13.85
CA THR E 307 -17.26 14.15 15.27
C THR E 307 -15.89 13.50 15.45
N ILE E 308 -15.28 13.72 16.61
CA ILE E 308 -13.97 13.16 16.93
C ILE E 308 -13.97 12.56 18.33
N VAL E 309 -13.68 11.26 18.42
CA VAL E 309 -13.67 10.58 19.70
C VAL E 309 -12.28 10.14 20.15
N LYS E 310 -11.65 10.95 21.02
CA LYS E 310 -10.33 10.63 21.53
C LYS E 310 -10.40 9.29 22.26
N ASN E 311 -9.28 8.59 22.37
CA ASN E 311 -9.27 7.29 23.04
C ASN E 311 -9.63 7.43 24.51
N ASP E 312 -9.35 8.60 25.08
CA ASP E 312 -9.65 8.86 26.48
C ASP E 312 -11.05 9.43 26.66
N CYS E 313 -11.88 9.24 25.65
CA CYS E 313 -13.27 9.71 25.66
C CYS E 313 -14.14 8.60 25.11
N LEU E 314 -13.50 7.51 24.71
CA LEU E 314 -14.19 6.36 24.15
C LEU E 314 -15.34 5.88 25.04
N LEU E 315 -15.09 5.77 26.33
CA LEU E 315 -16.11 5.31 27.27
C LEU E 315 -17.19 6.36 27.49
N ASP E 316 -16.77 7.61 27.59
CA ASP E 316 -17.69 8.72 27.79
C ASP E 316 -18.62 8.80 26.58
N PHE E 317 -18.12 8.37 25.44
CA PHE E 317 -18.87 8.40 24.19
C PHE E 317 -19.82 7.21 24.12
N LEU E 318 -19.28 6.01 24.34
CA LEU E 318 -20.10 4.80 24.28
C LEU E 318 -21.17 4.75 25.36
N ASP E 319 -21.09 5.64 26.34
CA ASP E 319 -22.09 5.68 27.41
C ASP E 319 -22.83 7.01 27.45
N CYS E 320 -22.69 7.81 26.40
CA CYS E 320 -23.35 9.11 26.34
C CYS E 320 -24.85 8.90 26.50
N GLY E 321 -25.31 7.68 26.18
CA GLY E 321 -26.71 7.37 26.30
C GLY E 321 -27.46 7.36 24.98
N LYS E 322 -26.79 6.89 23.93
CA LYS E 322 -27.41 6.82 22.61
C LYS E 322 -27.10 5.49 21.96
N PHE E 323 -26.10 4.80 22.50
CA PHE E 323 -25.69 3.51 21.95
C PHE E 323 -26.04 2.35 22.87
N GLU E 324 -26.06 1.16 22.27
CA GLU E 324 -26.37 -0.07 22.98
C GLU E 324 -25.54 -1.17 22.34
N ILE E 325 -25.70 -2.40 22.81
CA ILE E 325 -24.96 -3.52 22.25
C ILE E 325 -25.55 -3.94 20.91
N THR E 326 -26.72 -3.39 20.61
CA THR E 326 -27.42 -3.71 19.37
C THR E 326 -27.09 -2.69 18.27
N SER E 327 -26.54 -1.55 18.66
CA SER E 327 -26.19 -0.51 17.69
C SER E 327 -24.83 -0.77 17.05
N PHE E 328 -24.25 -1.92 17.38
CA PHE E 328 -22.95 -2.29 16.83
C PHE E 328 -23.05 -3.10 15.54
N TRP E 329 -22.62 -2.48 14.45
CA TRP E 329 -22.62 -3.11 13.13
C TRP E 329 -22.28 -4.59 13.24
N THR E 330 -23.00 -5.42 12.48
CA THR E 330 -22.82 -6.88 12.47
C THR E 330 -22.98 -7.47 13.86
N LEU E 331 -23.91 -6.90 14.63
CA LEU E 331 -24.17 -7.36 15.99
C LEU E 331 -25.50 -6.81 16.49
N GLY E 332 -26.31 -6.31 15.56
CA GLY E 332 -27.59 -5.75 15.92
C GLY E 332 -28.77 -6.28 15.11
N GLY E 333 -28.58 -7.42 14.46
CA GLY E 333 -29.64 -8.00 13.67
C GLY E 333 -30.46 -8.97 14.50
N VAL E 334 -29.82 -10.04 14.94
CA VAL E 334 -30.45 -11.05 15.77
C VAL E 334 -29.43 -11.59 16.75
N LEU E 335 -28.20 -11.78 16.28
CA LEU E 335 -27.14 -12.27 17.15
C LEU E 335 -27.07 -11.34 18.35
N GLY E 336 -27.42 -10.08 18.12
CA GLY E 336 -27.42 -9.10 19.18
C GLY E 336 -28.58 -9.39 20.11
N LYS E 337 -29.76 -9.61 19.53
CA LYS E 337 -30.94 -9.93 20.32
C LYS E 337 -30.63 -11.08 21.27
N GLU E 338 -30.11 -12.17 20.72
CA GLU E 338 -29.77 -13.33 21.52
C GLU E 338 -28.76 -12.99 22.61
N LEU E 339 -27.70 -12.28 22.25
CA LEU E 339 -26.67 -11.89 23.20
C LEU E 339 -27.27 -11.39 24.51
N ILE E 340 -28.38 -10.66 24.41
CA ILE E 340 -29.07 -10.15 25.60
C ILE E 340 -29.62 -11.33 26.40
N ASP E 341 -30.39 -12.17 25.73
CA ASP E 341 -31.00 -13.34 26.35
C ASP E 341 -29.99 -14.36 26.85
N VAL E 342 -28.71 -14.10 26.61
CA VAL E 342 -27.64 -15.00 27.04
C VAL E 342 -26.80 -14.42 28.18
N LEU E 343 -26.69 -13.10 28.22
CA LEU E 343 -25.92 -12.43 29.26
C LEU E 343 -26.81 -11.53 30.10
N ASP E 344 -28.12 -11.74 30.00
CA ASP E 344 -29.09 -10.94 30.75
C ASP E 344 -29.15 -9.52 30.19
N LEU E 345 -27.96 -8.95 29.94
CA LEU E 345 -27.81 -7.60 29.39
C LEU E 345 -29.02 -6.68 29.62
N PRO E 346 -28.92 -5.75 30.59
CA PRO E 346 -30.02 -4.83 30.87
C PRO E 346 -30.47 -4.11 29.59
N HIS E 347 -31.66 -3.52 29.65
CA HIS E 347 -32.21 -2.82 28.49
C HIS E 347 -31.70 -1.39 28.31
N GLU E 348 -30.76 -0.98 29.16
CA GLU E 348 -30.15 0.34 29.09
C GLU E 348 -28.77 0.27 29.73
N ASN E 349 -27.85 1.13 29.30
CA ASN E 349 -26.50 1.10 29.84
C ASN E 349 -26.00 -0.33 29.68
N SER E 350 -26.47 -0.99 28.62
CA SER E 350 -26.12 -2.38 28.34
C SER E 350 -24.66 -2.56 27.92
N ILE E 351 -24.09 -1.55 27.29
CA ILE E 351 -22.69 -1.63 26.85
C ILE E 351 -21.79 -1.59 28.08
N LYS E 352 -21.98 -0.57 28.91
CA LYS E 352 -21.19 -0.40 30.13
C LYS E 352 -21.29 -1.65 30.98
N HIS E 353 -22.49 -2.22 31.04
CA HIS E 353 -22.73 -3.41 31.83
C HIS E 353 -21.81 -4.55 31.43
N ILE E 354 -21.53 -4.67 30.13
CA ILE E 354 -20.65 -5.72 29.61
C ILE E 354 -19.20 -5.44 29.99
N ARG E 355 -18.90 -4.18 30.27
CA ARG E 355 -17.56 -3.74 30.65
C ARG E 355 -17.29 -3.95 32.14
N GLU E 356 -18.25 -3.57 32.98
CA GLU E 356 -18.09 -3.69 34.42
C GLU E 356 -18.42 -5.07 35.00
N THR E 357 -18.69 -6.03 34.14
CA THR E 357 -19.00 -7.39 34.58
C THR E 357 -17.84 -8.31 34.25
N TRP E 358 -16.94 -7.84 33.39
CA TRP E 358 -15.78 -8.61 32.97
C TRP E 358 -14.51 -7.77 32.92
N PRO E 359 -14.18 -7.09 34.03
CA PRO E 359 -12.98 -6.25 34.09
C PRO E 359 -11.71 -7.09 34.16
N ASP E 360 -11.86 -8.39 33.91
CA ASP E 360 -10.75 -9.32 33.94
C ASP E 360 -10.00 -9.22 32.62
N ASN E 361 -10.53 -9.92 31.63
CA ASN E 361 -9.95 -9.97 30.30
C ASN E 361 -10.95 -10.70 29.41
N ALA E 362 -10.57 -10.93 28.16
CA ALA E 362 -11.45 -11.64 27.24
C ALA E 362 -11.68 -13.06 27.76
N GLY E 363 -10.60 -13.67 28.24
CA GLY E 363 -10.67 -15.03 28.74
C GLY E 363 -11.78 -15.32 29.74
N GLN E 364 -12.09 -14.35 30.60
CA GLN E 364 -13.13 -14.56 31.60
C GLN E 364 -14.47 -14.85 30.94
N LEU E 365 -15.05 -13.85 30.29
CA LEU E 365 -16.33 -13.99 29.62
C LEU E 365 -16.34 -15.23 28.72
N LYS E 366 -15.16 -15.67 28.30
CA LYS E 366 -15.04 -16.85 27.44
C LYS E 366 -15.75 -18.05 28.04
N GLU E 367 -15.35 -18.43 29.25
CA GLU E 367 -15.96 -19.58 29.90
C GLU E 367 -17.42 -19.34 30.25
N PHE E 368 -17.76 -18.10 30.64
CA PHE E 368 -19.14 -17.78 30.98
C PHE E 368 -20.05 -18.15 29.81
N LEU E 369 -19.52 -18.04 28.61
CA LEU E 369 -20.28 -18.37 27.41
C LEU E 369 -20.51 -19.89 27.36
N ASP E 370 -19.48 -20.64 27.75
CA ASP E 370 -19.56 -22.10 27.76
C ASP E 370 -20.58 -22.56 28.79
N ALA E 371 -20.40 -22.11 30.03
CA ALA E 371 -21.30 -22.49 31.11
C ALA E 371 -22.58 -21.66 31.05
N LYS E 372 -23.09 -21.46 29.83
CA LYS E 372 -24.31 -20.70 29.62
C LYS E 372 -24.99 -21.20 28.34
N VAL E 373 -24.37 -22.19 27.71
CA VAL E 373 -24.90 -22.76 26.47
C VAL E 373 -25.24 -24.23 26.66
N LYS E 374 -24.41 -24.95 27.41
CA LYS E 374 -24.63 -26.36 27.66
C LYS E 374 -25.56 -26.57 28.84
N GLN E 375 -26.87 -26.65 28.57
CA GLN E 375 -27.86 -26.85 29.62
C GLN E 375 -29.28 -26.95 29.08
N SER E 376 -30.17 -26.09 29.55
CA SER E 376 -31.56 -26.08 29.13
C SER E 376 -32.08 -24.66 28.91
N ASP E 377 -31.38 -23.90 28.06
CA ASP E 377 -31.78 -22.54 27.75
C ASP E 377 -32.24 -22.42 26.31
N TYR E 378 -31.38 -22.87 25.39
CA TYR E 378 -31.68 -22.81 23.96
C TYR E 378 -31.23 -24.11 23.28
N ASP E 379 -31.30 -24.10 21.95
CA ASP E 379 -30.90 -25.26 21.15
C ASP E 379 -30.02 -24.77 20.00
N ARG E 380 -28.99 -25.55 19.66
CA ARG E 380 -28.09 -25.18 18.57
C ARG E 380 -28.79 -25.30 17.22
N SER E 381 -30.04 -24.88 17.17
CA SER E 381 -30.85 -24.92 15.95
C SER E 381 -31.33 -23.52 15.61
N THR E 382 -31.25 -22.62 16.58
CA THR E 382 -31.68 -21.24 16.40
C THR E 382 -30.77 -20.28 17.16
N SER E 383 -29.46 -20.41 16.95
CA SER E 383 -28.49 -19.55 17.61
C SER E 383 -27.30 -19.27 16.71
N ASN E 384 -27.00 -17.99 16.51
CA ASN E 384 -25.89 -17.58 15.66
C ASN E 384 -24.57 -17.63 16.39
N ILE E 385 -24.60 -18.11 17.63
CA ILE E 385 -23.38 -18.20 18.43
C ILE E 385 -22.66 -19.53 18.18
N ASP E 386 -21.53 -19.47 17.50
CA ASP E 386 -20.75 -20.65 17.19
C ASP E 386 -20.00 -21.15 18.42
N PRO E 387 -20.42 -22.31 18.96
CA PRO E 387 -19.82 -22.92 20.15
C PRO E 387 -18.29 -23.00 20.12
N LEU E 388 -17.75 -23.76 19.17
CA LEU E 388 -16.31 -23.94 19.05
C LEU E 388 -15.53 -22.61 19.11
N LYS E 389 -15.87 -21.70 18.21
CA LYS E 389 -15.20 -20.41 18.15
C LYS E 389 -15.84 -19.42 19.13
N THR E 390 -15.96 -19.85 20.38
CA THR E 390 -16.55 -19.01 21.42
C THR E 390 -15.49 -18.15 22.09
N ALA E 391 -14.34 -18.06 21.45
CA ALA E 391 -13.23 -17.25 21.97
C ALA E 391 -13.26 -15.93 21.21
N ASP E 392 -13.72 -16.00 19.97
CA ASP E 392 -13.82 -14.83 19.12
C ASP E 392 -14.92 -13.94 19.67
N LEU E 393 -16.14 -14.45 19.68
CA LEU E 393 -17.29 -13.71 20.19
C LEU E 393 -16.94 -13.10 21.54
N ALA E 394 -15.99 -13.71 22.22
CA ALA E 394 -15.55 -13.22 23.53
C ALA E 394 -14.79 -11.92 23.37
N GLU E 395 -13.53 -12.02 22.97
CA GLU E 395 -12.68 -10.85 22.78
C GLU E 395 -13.45 -9.73 22.07
N LYS E 396 -14.35 -10.11 21.18
CA LYS E 396 -15.16 -9.15 20.43
C LYS E 396 -15.94 -8.22 21.34
N LEU E 397 -16.89 -8.78 22.09
CA LEU E 397 -17.71 -7.99 23.00
C LEU E 397 -16.86 -7.25 24.03
N PHE E 398 -15.86 -7.94 24.57
CA PHE E 398 -14.97 -7.36 25.57
C PHE E 398 -14.25 -6.14 24.98
N LYS E 399 -13.84 -6.25 23.73
CA LYS E 399 -13.15 -5.17 23.04
C LYS E 399 -14.11 -4.03 22.70
N LEU E 400 -15.18 -4.36 21.99
CA LEU E 400 -16.19 -3.37 21.61
C LEU E 400 -16.61 -2.53 22.81
N SER E 401 -16.96 -3.21 23.90
CA SER E 401 -17.39 -2.53 25.12
C SER E 401 -16.47 -1.39 25.50
N ARG E 402 -15.19 -1.55 25.26
CA ARG E 402 -14.21 -0.52 25.59
C ARG E 402 -13.85 0.37 24.41
N GLY E 403 -14.32 0.00 23.23
CA GLY E 403 -14.05 0.79 22.04
C GLY E 403 -12.65 0.55 21.47
N ARG E 404 -12.21 -0.70 21.49
CA ARG E 404 -10.90 -1.05 20.98
C ARG E 404 -10.91 -2.28 20.08
N TYR E 405 -11.95 -2.42 19.25
CA TYR E 405 -12.04 -3.55 18.35
C TYR E 405 -11.57 -3.14 16.94
N GLY E 406 -10.25 -3.15 16.76
CA GLY E 406 -9.68 -2.78 15.48
C GLY E 406 -9.82 -3.77 14.34
N LEU E 407 -10.69 -3.45 13.40
CA LEU E 407 -10.91 -4.30 12.23
C LEU E 407 -10.16 -3.69 11.06
N PRO E 408 -9.28 -4.46 10.41
CA PRO E 408 -8.51 -3.95 9.28
C PRO E 408 -9.41 -3.67 8.10
N LEU E 409 -9.17 -2.56 7.41
CA LEU E 409 -9.97 -2.20 6.25
C LEU E 409 -9.70 -3.26 5.19
N SER E 410 -10.72 -3.59 4.41
CA SER E 410 -10.55 -4.60 3.36
C SER E 410 -11.57 -4.37 2.25
N SER E 411 -11.27 -4.90 1.07
CA SER E 411 -12.15 -4.75 -0.09
C SER E 411 -13.26 -5.79 -0.08
N ARG E 412 -14.44 -5.39 -0.55
CA ARG E 412 -15.58 -6.29 -0.62
C ARG E 412 -15.23 -7.45 -1.54
N PRO E 413 -15.54 -8.69 -1.13
CA PRO E 413 -15.23 -9.85 -1.97
C PRO E 413 -15.88 -9.74 -3.35
N VAL E 414 -15.15 -10.19 -4.37
CA VAL E 414 -15.64 -10.16 -5.74
C VAL E 414 -17.10 -10.59 -5.76
N VAL E 415 -17.88 -9.96 -6.62
CA VAL E 415 -19.31 -10.27 -6.72
C VAL E 415 -19.54 -11.68 -7.28
N LYS E 416 -20.51 -12.37 -6.70
CA LYS E 416 -20.85 -13.72 -7.13
C LYS E 416 -21.98 -13.73 -8.15
N SER E 417 -22.88 -12.76 -8.06
CA SER E 417 -23.99 -12.68 -8.99
C SER E 417 -24.59 -11.30 -9.15
N MET E 418 -25.53 -11.20 -10.08
CA MET E 418 -26.22 -9.94 -10.36
C MET E 418 -27.62 -10.20 -10.89
N MET E 419 -28.61 -9.72 -10.14
CA MET E 419 -30.01 -9.92 -10.49
C MET E 419 -30.73 -8.64 -10.91
N SER E 420 -31.47 -8.73 -12.01
CA SER E 420 -32.25 -7.61 -12.50
C SER E 420 -33.67 -8.15 -12.52
N ASN E 421 -34.35 -8.00 -11.40
CA ASN E 421 -35.72 -8.48 -11.21
C ASN E 421 -36.80 -7.45 -11.52
N LYS E 422 -38.06 -7.91 -11.40
CA LYS E 422 -39.24 -7.07 -11.61
C LYS E 422 -40.49 -7.79 -11.13
N ASN E 423 -40.98 -7.42 -9.94
CA ASN E 423 -42.19 -8.02 -9.42
C ASN E 423 -43.36 -7.40 -10.16
N LEU E 424 -43.81 -8.09 -11.20
CA LEU E 424 -44.90 -7.63 -12.04
C LEU E 424 -46.25 -7.62 -11.34
N ARG E 425 -47.10 -6.71 -11.80
CA ARG E 425 -48.46 -6.56 -11.27
C ARG E 425 -49.34 -6.11 -12.44
N GLY E 426 -50.64 -6.12 -12.25
CA GLY E 426 -51.52 -5.76 -13.34
C GLY E 426 -51.50 -6.92 -14.31
N LYS E 427 -52.14 -6.79 -15.47
CA LYS E 427 -52.14 -7.89 -16.42
C LYS E 427 -51.12 -7.64 -17.51
N SER E 428 -50.13 -6.80 -17.18
CA SER E 428 -49.07 -6.46 -18.14
C SER E 428 -48.56 -7.69 -18.90
N CYS E 429 -47.68 -8.44 -18.27
CA CYS E 429 -47.06 -9.63 -18.87
C CYS E 429 -47.96 -10.80 -19.26
N ASN E 430 -48.42 -10.80 -20.52
CA ASN E 430 -49.27 -11.87 -21.01
C ASN E 430 -48.62 -12.67 -22.12
N SER E 431 -48.05 -11.98 -23.10
CA SER E 431 -47.39 -12.66 -24.21
C SER E 431 -45.92 -12.83 -23.92
N ILE E 432 -45.20 -13.38 -24.87
CA ILE E 432 -43.77 -13.60 -24.72
C ILE E 432 -43.06 -12.34 -25.18
N VAL E 433 -43.75 -11.55 -26.01
CA VAL E 433 -43.19 -10.31 -26.52
C VAL E 433 -43.11 -9.31 -25.39
N ASP E 434 -43.85 -9.58 -24.31
CA ASP E 434 -43.81 -8.70 -23.17
C ASP E 434 -42.59 -9.06 -22.32
N CYS E 435 -42.40 -10.36 -22.12
CA CYS E 435 -41.24 -10.84 -21.35
C CYS E 435 -40.00 -10.30 -22.05
N ILE E 436 -39.94 -10.53 -23.35
CA ILE E 436 -38.85 -10.07 -24.16
C ILE E 436 -38.69 -8.56 -23.96
N SER E 437 -39.81 -7.86 -23.80
CA SER E 437 -39.78 -6.42 -23.59
C SER E 437 -39.13 -6.06 -22.26
N TRP E 438 -39.16 -6.97 -21.30
CA TRP E 438 -38.57 -6.70 -20.00
C TRP E 438 -37.13 -7.21 -19.99
N LEU E 439 -36.85 -8.20 -20.83
CA LEU E 439 -35.51 -8.75 -20.90
C LEU E 439 -34.54 -7.73 -21.44
N GLU E 440 -35.04 -6.85 -22.31
CA GLU E 440 -34.19 -5.80 -22.86
C GLU E 440 -33.76 -4.92 -21.70
N VAL E 441 -34.76 -4.45 -20.95
CA VAL E 441 -34.50 -3.62 -19.79
C VAL E 441 -33.42 -4.27 -18.93
N PHE E 442 -33.72 -5.45 -18.38
CA PHE E 442 -32.76 -6.16 -17.54
C PHE E 442 -31.37 -6.17 -18.21
N CYS E 443 -31.32 -6.59 -19.47
CA CYS E 443 -30.06 -6.65 -20.20
C CYS E 443 -29.32 -5.33 -20.11
N ALA E 444 -30.06 -4.23 -20.10
CA ALA E 444 -29.46 -2.91 -20.01
C ALA E 444 -28.86 -2.66 -18.64
N GLU E 445 -29.69 -2.73 -17.61
CA GLU E 445 -29.23 -2.50 -16.25
C GLU E 445 -28.05 -3.38 -15.88
N LEU E 446 -28.07 -4.64 -16.31
CA LEU E 446 -26.98 -5.54 -16.00
C LEU E 446 -25.74 -5.20 -16.81
N THR E 447 -25.94 -4.67 -18.02
CA THR E 447 -24.82 -4.28 -18.86
C THR E 447 -24.45 -2.85 -18.44
N SER E 448 -24.85 -2.51 -17.22
CA SER E 448 -24.59 -1.19 -16.65
C SER E 448 -23.92 -1.36 -15.30
N ARG E 449 -23.98 -2.58 -14.77
CA ARG E 449 -23.37 -2.88 -13.49
C ARG E 449 -22.15 -3.75 -13.73
N ILE E 450 -22.00 -4.19 -14.97
CA ILE E 450 -20.87 -5.00 -15.38
C ILE E 450 -19.73 -4.03 -15.67
N GLN E 451 -20.10 -2.87 -16.22
CA GLN E 451 -19.13 -1.83 -16.54
C GLN E 451 -18.63 -1.19 -15.24
N ASP E 452 -19.56 -0.85 -14.36
CA ASP E 452 -19.19 -0.23 -13.09
C ASP E 452 -18.28 -1.17 -12.32
N LEU E 453 -18.36 -2.46 -12.61
CA LEU E 453 -17.51 -3.42 -11.93
C LEU E 453 -16.13 -3.43 -12.56
N GLU E 454 -16.08 -3.26 -13.88
CA GLU E 454 -14.79 -3.24 -14.56
C GLU E 454 -14.01 -2.07 -14.02
N GLN E 455 -14.65 -0.91 -13.95
CA GLN E 455 -13.96 0.27 -13.46
C GLN E 455 -13.48 0.12 -12.02
N GLU E 456 -14.22 -0.62 -11.20
CA GLU E 456 -13.82 -0.79 -9.81
C GLU E 456 -12.63 -1.71 -9.60
N TYR E 457 -12.53 -2.78 -10.40
CA TYR E 457 -11.40 -3.69 -10.27
C TYR E 457 -10.41 -3.41 -11.39
N ASN E 458 -10.76 -2.46 -12.24
CA ASN E 458 -9.92 -2.09 -13.37
C ASN E 458 -9.49 -3.37 -14.10
N LYS E 459 -10.40 -4.34 -14.12
CA LYS E 459 -10.16 -5.61 -14.79
C LYS E 459 -11.40 -5.94 -15.62
N ILE E 460 -11.20 -6.50 -16.81
CA ILE E 460 -12.32 -6.84 -17.67
C ILE E 460 -13.13 -7.98 -17.08
N VAL E 461 -14.45 -7.86 -17.13
CA VAL E 461 -15.34 -8.89 -16.58
C VAL E 461 -16.45 -9.30 -17.55
N ILE E 462 -16.71 -10.59 -17.62
CA ILE E 462 -17.77 -11.12 -18.48
C ILE E 462 -18.42 -12.32 -17.78
N PRO E 463 -19.76 -12.40 -17.82
CA PRO E 463 -20.49 -13.51 -17.20
C PRO E 463 -20.55 -14.71 -18.15
N ARG E 464 -20.13 -15.87 -17.65
CA ARG E 464 -20.14 -17.07 -18.47
C ARG E 464 -21.45 -17.84 -18.44
N THR E 465 -22.38 -17.40 -17.59
CA THR E 465 -23.67 -18.06 -17.48
C THR E 465 -24.81 -17.08 -17.19
N VAL E 466 -25.99 -17.39 -17.71
CA VAL E 466 -27.18 -16.55 -17.52
C VAL E 466 -28.41 -17.41 -17.30
N SER E 467 -29.21 -17.06 -16.30
CA SER E 467 -30.43 -17.81 -16.00
C SER E 467 -31.60 -16.83 -15.96
N ILE E 468 -32.80 -17.35 -16.18
CA ILE E 468 -34.00 -16.52 -16.17
C ILE E 468 -35.10 -17.18 -15.36
N SER E 469 -35.52 -16.53 -14.29
CA SER E 469 -36.56 -17.06 -13.42
C SER E 469 -37.86 -16.29 -13.61
N LEU E 470 -38.97 -16.90 -13.23
CA LEU E 470 -40.25 -16.24 -13.37
C LEU E 470 -41.29 -16.92 -12.51
N LYS E 471 -42.25 -16.13 -12.05
CA LYS E 471 -43.34 -16.62 -11.23
C LYS E 471 -44.62 -16.48 -12.05
N THR E 472 -45.38 -17.57 -12.14
CA THR E 472 -46.62 -17.57 -12.91
C THR E 472 -47.78 -16.93 -12.17
N LYS E 473 -48.99 -17.15 -12.69
CA LYS E 473 -50.20 -16.61 -12.10
C LYS E 473 -50.42 -17.22 -10.72
N SER E 474 -50.34 -18.54 -10.64
CA SER E 474 -50.52 -19.27 -9.39
C SER E 474 -49.28 -19.14 -8.51
N TYR E 475 -48.37 -18.25 -8.91
CA TYR E 475 -47.14 -18.00 -8.19
C TYR E 475 -46.14 -19.14 -8.15
N GLU E 476 -46.15 -19.98 -9.19
CA GLU E 476 -45.21 -21.09 -9.28
C GLU E 476 -43.87 -20.54 -9.75
N VAL E 477 -42.92 -21.42 -10.07
CA VAL E 477 -41.61 -20.95 -10.49
C VAL E 477 -40.92 -21.71 -11.61
N TYR E 478 -40.71 -21.01 -12.72
CA TYR E 478 -40.02 -21.58 -13.86
C TYR E 478 -38.65 -20.91 -13.90
N ARG E 479 -37.61 -21.68 -14.17
CA ARG E 479 -36.27 -21.14 -14.28
C ARG E 479 -35.37 -22.02 -15.13
N LYS E 480 -34.70 -21.40 -16.08
CA LYS E 480 -33.79 -22.10 -16.97
C LYS E 480 -32.44 -21.40 -16.88
N SER E 481 -31.38 -22.17 -16.72
CA SER E 481 -30.04 -21.60 -16.63
C SER E 481 -29.11 -22.27 -17.63
N GLY E 482 -28.16 -21.50 -18.16
CA GLY E 482 -27.23 -22.06 -19.12
C GLY E 482 -26.07 -21.14 -19.45
N PRO E 483 -25.17 -21.56 -20.35
CA PRO E 483 -24.01 -20.76 -20.74
C PRO E 483 -24.36 -19.70 -21.78
N VAL E 484 -23.46 -18.75 -21.96
CA VAL E 484 -23.65 -17.68 -22.93
C VAL E 484 -22.52 -17.65 -23.95
N ALA E 485 -22.87 -17.81 -25.22
CA ALA E 485 -21.89 -17.82 -26.31
C ALA E 485 -21.46 -16.41 -26.68
N TYR E 486 -20.15 -16.22 -26.83
CA TYR E 486 -19.61 -14.92 -27.20
C TYR E 486 -19.00 -14.92 -28.60
N LYS E 487 -19.73 -14.33 -29.54
CA LYS E 487 -19.29 -14.26 -30.93
C LYS E 487 -18.31 -13.11 -31.17
N GLY E 488 -17.15 -13.19 -30.55
CA GLY E 488 -16.14 -12.16 -30.68
C GLY E 488 -15.05 -12.33 -29.64
N ILE E 489 -15.24 -11.72 -28.47
CA ILE E 489 -14.27 -11.83 -27.39
C ILE E 489 -14.55 -10.83 -26.26
N ASN E 490 -15.34 -9.80 -26.55
CA ASN E 490 -15.62 -8.78 -25.53
C ASN E 490 -16.94 -8.00 -25.65
N PHE E 491 -18.05 -8.68 -25.91
CA PHE E 491 -19.33 -7.99 -26.01
C PHE E 491 -20.27 -8.45 -24.90
N GLN E 492 -21.51 -7.96 -24.91
CA GLN E 492 -22.47 -8.33 -23.87
C GLN E 492 -23.88 -7.80 -24.13
N SER E 493 -24.02 -6.47 -24.07
CA SER E 493 -25.30 -5.78 -24.25
C SER E 493 -26.27 -6.41 -25.26
N HIS E 494 -25.78 -7.28 -26.14
CA HIS E 494 -26.63 -7.91 -27.14
C HIS E 494 -26.71 -9.43 -26.97
N GLU E 495 -25.56 -10.09 -27.05
CA GLU E 495 -25.52 -11.55 -26.91
C GLU E 495 -26.15 -12.04 -25.62
N LEU E 496 -26.31 -11.14 -24.65
CA LEU E 496 -26.92 -11.52 -23.38
C LEU E 496 -28.44 -11.62 -23.57
N LEU E 497 -29.00 -10.69 -24.35
CA LEU E 497 -30.42 -10.68 -24.64
C LEU E 497 -30.72 -11.79 -25.64
N LYS E 498 -29.77 -12.04 -26.52
CA LYS E 498 -29.91 -13.08 -27.54
C LYS E 498 -30.28 -14.40 -26.86
N VAL E 499 -29.46 -14.81 -25.90
CA VAL E 499 -29.70 -16.05 -25.17
C VAL E 499 -30.86 -15.87 -24.20
N GLY E 500 -30.81 -14.80 -23.41
CA GLY E 500 -31.88 -14.55 -22.45
C GLY E 500 -33.22 -14.87 -23.06
N ILE E 501 -33.46 -14.38 -24.27
CA ILE E 501 -34.71 -14.61 -24.98
C ILE E 501 -34.98 -16.11 -25.16
N LYS E 502 -34.04 -16.81 -25.78
CA LYS E 502 -34.19 -18.25 -26.02
C LYS E 502 -34.84 -18.92 -24.82
N PHE E 503 -34.26 -18.70 -23.64
CA PHE E 503 -34.78 -19.27 -22.41
C PHE E 503 -36.24 -18.89 -22.18
N VAL E 504 -36.51 -17.59 -22.23
CA VAL E 504 -37.87 -17.09 -22.02
C VAL E 504 -38.85 -17.76 -22.97
N THR E 505 -38.33 -18.36 -24.03
CA THR E 505 -39.18 -19.05 -25.00
C THR E 505 -39.44 -20.49 -24.52
N ASP E 506 -38.37 -21.22 -24.26
CA ASP E 506 -38.46 -22.60 -23.79
C ASP E 506 -39.39 -22.71 -22.59
N LEU E 507 -39.24 -21.80 -21.64
CA LEU E 507 -40.08 -21.78 -20.47
C LEU E 507 -41.52 -21.59 -20.90
N ASP E 508 -41.75 -20.72 -21.87
CA ASP E 508 -43.09 -20.47 -22.36
C ASP E 508 -43.70 -21.76 -22.89
N ILE E 509 -42.90 -22.53 -23.62
CA ILE E 509 -43.34 -23.81 -24.18
C ILE E 509 -43.40 -24.85 -23.07
N LYS E 510 -42.55 -24.68 -22.06
CA LYS E 510 -42.53 -25.60 -20.94
C LYS E 510 -43.79 -25.51 -20.11
N GLY E 511 -44.62 -24.53 -20.39
CA GLY E 511 -45.86 -24.37 -19.63
C GLY E 511 -47.02 -23.91 -20.47
N LYS E 512 -47.13 -24.45 -21.68
CA LYS E 512 -48.22 -24.08 -22.59
C LYS E 512 -49.62 -24.24 -22.02
N ASN E 513 -49.90 -25.40 -21.44
CA ASN E 513 -51.22 -25.66 -20.88
C ASN E 513 -51.24 -25.78 -19.36
N LYS E 514 -50.60 -24.83 -18.68
CA LYS E 514 -50.54 -24.81 -17.23
C LYS E 514 -50.76 -23.41 -16.71
N SER E 515 -50.67 -23.21 -15.40
CA SER E 515 -50.85 -21.88 -14.83
C SER E 515 -49.61 -21.06 -15.17
N TYR E 516 -49.74 -20.17 -16.14
CA TYR E 516 -48.59 -19.36 -16.53
C TYR E 516 -48.87 -17.85 -16.50
N TYR E 517 -49.52 -17.33 -17.54
CA TYR E 517 -49.83 -15.90 -17.58
C TYR E 517 -51.11 -15.54 -16.84
N PRO E 518 -51.18 -14.32 -16.29
CA PRO E 518 -50.14 -13.29 -16.35
C PRO E 518 -49.03 -13.59 -15.35
N LEU E 519 -47.78 -13.39 -15.77
CA LEU E 519 -46.64 -13.63 -14.90
C LEU E 519 -46.71 -12.64 -13.75
N THR E 520 -46.12 -13.00 -12.61
CA THR E 520 -46.13 -12.11 -11.47
C THR E 520 -44.72 -11.69 -11.10
N LYS E 521 -43.73 -12.25 -11.80
CA LYS E 521 -42.34 -11.91 -11.58
C LYS E 521 -41.35 -12.49 -12.58
N LEU E 522 -40.70 -11.61 -13.32
CA LEU E 522 -39.70 -12.00 -14.31
C LEU E 522 -38.36 -11.43 -13.84
N SER E 523 -37.26 -12.13 -14.13
CA SER E 523 -35.95 -11.67 -13.69
C SER E 523 -34.76 -12.41 -14.31
N MET E 524 -33.70 -11.65 -14.62
CA MET E 524 -32.50 -12.19 -15.23
C MET E 524 -31.33 -12.12 -14.25
N THR E 525 -30.63 -13.23 -14.10
CA THR E 525 -29.47 -13.29 -13.20
C THR E 525 -28.22 -13.76 -13.94
N ILE E 526 -27.08 -13.21 -13.54
CA ILE E 526 -25.82 -13.59 -14.15
C ILE E 526 -24.85 -13.99 -13.04
N THR E 527 -24.15 -15.10 -13.27
CA THR E 527 -23.19 -15.63 -12.32
C THR E 527 -21.99 -16.19 -13.07
N ASN E 528 -21.24 -17.07 -12.41
CA ASN E 528 -20.05 -17.66 -13.01
C ASN E 528 -19.29 -16.58 -13.76
N PHE E 529 -18.75 -15.63 -13.00
CA PHE E 529 -18.00 -14.52 -13.57
C PHE E 529 -16.56 -14.91 -13.88
N ASP E 530 -15.94 -14.12 -14.76
CA ASP E 530 -14.57 -14.33 -15.15
C ASP E 530 -13.88 -12.98 -15.12
N ILE E 531 -12.82 -12.87 -14.33
CA ILE E 531 -12.09 -11.61 -14.20
C ILE E 531 -10.72 -11.68 -14.87
N ILE E 532 -10.68 -11.48 -16.18
CA ILE E 532 -9.40 -11.54 -16.89
C ILE E 532 -8.58 -10.29 -16.62
N GLY F 22 -2.34 8.89 -34.25
CA GLY F 22 -3.58 8.36 -34.88
C GLY F 22 -4.84 8.93 -34.25
N ARG F 23 -4.86 10.23 -34.03
CA ARG F 23 -6.00 10.92 -33.44
C ARG F 23 -6.40 10.27 -32.13
N MET F 24 -5.53 9.46 -31.55
CA MET F 24 -5.82 8.80 -30.28
C MET F 24 -4.54 8.21 -29.68
N SER F 25 -4.33 8.42 -28.38
CA SER F 25 -3.14 7.93 -27.69
C SER F 25 -2.94 6.42 -27.87
N LYS F 26 -1.72 5.96 -27.62
CA LYS F 26 -1.38 4.54 -27.75
C LYS F 26 -1.71 3.72 -26.51
N PHE F 27 -1.80 4.40 -25.37
CA PHE F 27 -2.08 3.72 -24.11
C PHE F 27 -3.56 3.79 -23.79
N THR F 28 -4.07 2.78 -23.10
CA THR F 28 -5.48 2.72 -22.73
C THR F 28 -5.71 3.02 -21.26
N TRP F 29 -6.90 3.53 -20.94
CA TRP F 29 -7.25 3.87 -19.57
C TRP F 29 -6.81 2.82 -18.56
N LYS F 30 -7.07 1.55 -18.85
CA LYS F 30 -6.68 0.48 -17.95
C LYS F 30 -5.21 0.67 -17.55
N GLU F 31 -4.36 0.88 -18.55
CA GLU F 31 -2.93 1.07 -18.29
C GLU F 31 -2.64 2.27 -17.40
N LEU F 32 -3.43 3.33 -17.55
CA LEU F 32 -3.23 4.54 -16.76
C LEU F 32 -3.70 4.31 -15.32
N ILE F 33 -4.96 3.93 -15.17
CA ILE F 33 -5.55 3.68 -13.86
C ILE F 33 -4.75 2.63 -13.06
N GLN F 34 -3.96 1.84 -13.76
CA GLN F 34 -3.17 0.80 -13.12
C GLN F 34 -2.07 1.38 -12.24
N LEU F 35 -1.63 2.59 -12.54
CA LEU F 35 -0.57 3.24 -11.78
C LEU F 35 -0.95 3.42 -10.31
N GLY F 36 -2.25 3.38 -10.03
CA GLY F 36 -2.72 3.55 -8.67
C GLY F 36 -2.74 2.26 -7.87
N SER F 37 -2.38 1.15 -8.51
CA SER F 37 -2.37 -0.15 -7.84
C SER F 37 -0.97 -0.55 -7.42
N PRO F 38 -0.68 -0.52 -6.10
CA PRO F 38 0.63 -0.90 -5.58
C PRO F 38 0.95 -2.37 -5.78
N SER F 39 0.26 -3.00 -6.73
CA SER F 39 0.48 -4.41 -7.01
C SER F 39 0.67 -4.69 -8.49
N LYS F 40 -0.22 -4.14 -9.32
CA LYS F 40 -0.14 -4.37 -10.76
C LYS F 40 0.38 -3.15 -11.51
N ALA F 41 1.15 -2.31 -10.83
CA ALA F 41 1.69 -1.10 -11.45
C ALA F 41 2.88 -1.30 -12.40
N TYR F 42 3.78 -2.21 -12.06
CA TYR F 42 4.96 -2.46 -12.88
C TYR F 42 4.64 -3.00 -14.27
N GLU F 43 3.36 -3.22 -14.56
CA GLU F 43 2.92 -3.76 -15.85
C GLU F 43 2.66 -2.73 -16.97
N SER F 44 1.67 -1.87 -16.74
CA SER F 44 1.25 -0.85 -17.69
C SER F 44 2.18 -0.45 -18.83
N SER F 45 3.48 -0.36 -18.55
CA SER F 45 4.49 0.06 -19.52
C SER F 45 4.44 1.59 -19.49
N LEU F 46 3.34 2.08 -18.92
CA LEU F 46 3.11 3.50 -18.75
C LEU F 46 3.72 3.76 -17.38
N ALA F 47 4.34 2.70 -16.83
CA ALA F 47 4.99 2.75 -15.53
C ALA F 47 6.00 3.88 -15.42
N CYS F 48 6.50 4.12 -14.22
CA CYS F 48 7.45 5.20 -14.00
C CYS F 48 8.31 4.90 -12.78
N ILE F 49 9.17 3.91 -12.91
CA ILE F 49 10.05 3.50 -11.82
C ILE F 49 11.32 4.33 -11.75
N ALA F 50 11.88 4.45 -10.56
CA ALA F 50 13.10 5.23 -10.35
C ALA F 50 14.08 4.53 -9.44
N HIS F 51 15.34 4.47 -9.86
CA HIS F 51 16.38 3.83 -9.06
C HIS F 51 17.30 4.90 -8.51
N ILE F 52 17.71 4.75 -7.25
CA ILE F 52 18.58 5.72 -6.63
C ILE F 52 19.71 5.08 -5.85
N ASP F 53 20.93 5.46 -6.22
CA ASP F 53 22.13 4.96 -5.58
C ASP F 53 22.88 6.17 -5.05
N MET F 54 23.55 6.00 -3.92
CA MET F 54 24.29 7.10 -3.34
C MET F 54 25.74 7.03 -3.78
N ASN F 55 26.31 8.20 -4.06
CA ASN F 55 27.69 8.30 -4.53
C ASN F 55 28.69 8.11 -3.39
N ALA F 56 29.80 7.43 -3.70
CA ALA F 56 30.85 7.18 -2.71
C ALA F 56 30.30 7.10 -1.29
N PHE F 57 29.32 6.22 -1.09
CA PHE F 57 28.68 6.08 0.20
C PHE F 57 29.61 6.17 1.41
N PHE F 58 30.28 5.08 1.77
CA PHE F 58 31.17 5.10 2.94
C PHE F 58 32.08 6.31 2.93
N ALA F 59 32.45 6.76 1.73
CA ALA F 59 33.31 7.92 1.62
C ALA F 59 32.54 9.16 2.03
N GLN F 60 31.25 9.21 1.73
CA GLN F 60 30.43 10.37 2.09
C GLN F 60 30.03 10.39 3.56
N VAL F 61 29.56 9.27 4.10
CA VAL F 61 29.15 9.25 5.49
C VAL F 61 30.34 9.71 6.34
N GLU F 62 31.55 9.43 5.87
CA GLU F 62 32.73 9.86 6.59
C GLU F 62 32.93 11.34 6.28
N GLN F 63 32.99 11.67 5.00
CA GLN F 63 33.15 13.04 4.53
C GLN F 63 32.25 13.95 5.35
N MET F 64 31.15 13.38 5.83
CA MET F 64 30.17 14.12 6.63
C MET F 64 30.46 14.05 8.13
N ARG F 65 30.75 12.86 8.62
CA ARG F 65 31.02 12.69 10.05
C ARG F 65 32.07 13.67 10.54
N CYS F 66 33.12 13.86 9.74
CA CYS F 66 34.21 14.74 10.12
C CYS F 66 34.03 16.18 9.63
N GLY F 67 32.82 16.54 9.26
CA GLY F 67 32.54 17.89 8.81
C GLY F 67 33.42 18.44 7.70
N LEU F 68 33.94 17.55 6.85
CA LEU F 68 34.78 17.96 5.74
C LEU F 68 33.84 18.50 4.66
N SER F 69 34.37 18.87 3.50
CA SER F 69 33.54 19.39 2.43
C SER F 69 33.37 18.40 1.29
N LYS F 70 32.24 18.50 0.58
CA LYS F 70 31.96 17.60 -0.54
C LYS F 70 33.12 17.57 -1.55
N GLU F 71 34.00 18.56 -1.45
CA GLU F 71 35.12 18.63 -2.38
C GLU F 71 36.51 18.48 -1.75
N ASP F 72 36.63 17.56 -0.80
CA ASP F 72 37.90 17.26 -0.15
C ASP F 72 38.25 15.82 -0.52
N PRO F 73 39.46 15.58 -1.03
CA PRO F 73 39.91 14.25 -1.43
C PRO F 73 39.95 13.24 -0.27
N VAL F 74 38.77 12.91 0.25
CA VAL F 74 38.66 11.97 1.35
C VAL F 74 38.42 10.55 0.82
N VAL F 75 39.11 9.58 1.40
CA VAL F 75 38.96 8.20 0.99
C VAL F 75 38.63 7.37 2.22
N CYS F 76 37.96 6.24 2.02
CA CYS F 76 37.60 5.37 3.13
C CYS F 76 38.42 4.09 3.07
N VAL F 77 39.35 3.93 4.01
CA VAL F 77 40.21 2.76 4.02
C VAL F 77 39.89 1.71 5.06
N GLN F 78 40.52 0.56 4.88
CA GLN F 78 40.34 -0.59 5.76
C GLN F 78 41.68 -1.30 5.78
N TRP F 79 42.40 -1.19 6.90
CA TRP F 79 43.70 -1.83 7.02
C TRP F 79 44.66 -1.13 6.06
N ASN F 80 44.89 -1.75 4.91
CA ASN F 80 45.78 -1.16 3.91
C ASN F 80 45.10 -1.09 2.56
N SER F 81 43.76 -1.12 2.57
CA SER F 81 43.01 -1.08 1.33
C SER F 81 41.88 -0.05 1.33
N ILE F 82 41.64 0.55 0.18
CA ILE F 82 40.59 1.53 0.02
C ILE F 82 39.30 0.79 -0.32
N ILE F 83 38.17 1.26 0.23
CA ILE F 83 36.89 0.62 -0.04
C ILE F 83 35.84 1.63 -0.51
N ALA F 84 36.24 2.88 -0.69
CA ALA F 84 35.31 3.91 -1.14
C ALA F 84 36.09 5.16 -1.47
N VAL F 85 35.85 5.71 -2.65
CA VAL F 85 36.59 6.90 -3.06
C VAL F 85 35.70 8.06 -3.47
N SER F 86 35.69 9.10 -2.64
CA SER F 86 34.89 10.29 -2.94
C SER F 86 35.30 10.80 -4.32
N TYR F 87 34.35 11.41 -5.02
CA TYR F 87 34.60 11.92 -6.37
C TYR F 87 35.64 13.02 -6.43
N ALA F 88 35.96 13.61 -5.29
CA ALA F 88 36.96 14.66 -5.28
C ALA F 88 38.34 14.02 -5.41
N ALA F 89 38.50 12.86 -4.79
CA ALA F 89 39.76 12.15 -4.82
C ALA F 89 39.87 11.27 -6.06
N ARG F 90 38.79 11.18 -6.82
CA ARG F 90 38.81 10.38 -8.04
C ARG F 90 39.47 11.20 -9.14
N LYS F 91 39.29 12.51 -9.07
CA LYS F 91 39.88 13.40 -10.06
C LYS F 91 41.40 13.21 -10.13
N TYR F 92 41.98 12.69 -9.05
CA TYR F 92 43.41 12.46 -9.00
C TYR F 92 43.74 11.03 -9.45
N GLY F 93 42.77 10.37 -10.06
CA GLY F 93 42.99 9.01 -10.54
C GLY F 93 42.85 7.92 -9.50
N ILE F 94 42.63 8.29 -8.24
CA ILE F 94 42.47 7.30 -7.18
C ILE F 94 41.20 6.50 -7.41
N SER F 95 41.31 5.19 -7.28
CA SER F 95 40.17 4.30 -7.44
C SER F 95 40.36 3.22 -6.40
N ARG F 96 39.46 2.25 -6.36
CA ARG F 96 39.63 1.17 -5.40
C ARG F 96 40.78 0.35 -5.97
N MET F 97 40.99 -0.86 -5.47
CA MET F 97 42.08 -1.68 -5.98
C MET F 97 43.44 -1.05 -5.70
N ASP F 98 43.44 0.20 -5.24
CA ASP F 98 44.69 0.90 -4.91
C ASP F 98 44.92 0.79 -3.42
N THR F 99 46.11 1.20 -2.98
CA THR F 99 46.43 1.15 -1.56
C THR F 99 46.73 2.54 -1.03
N ILE F 100 46.33 2.78 0.21
CA ILE F 100 46.53 4.09 0.83
C ILE F 100 47.90 4.64 0.45
N GLN F 101 48.91 3.77 0.52
CA GLN F 101 50.25 4.17 0.18
C GLN F 101 50.33 4.65 -1.26
N GLU F 102 49.86 3.83 -2.20
CA GLU F 102 49.87 4.18 -3.61
C GLU F 102 49.06 5.46 -3.85
N ALA F 103 47.83 5.47 -3.34
CA ALA F 103 46.93 6.60 -3.50
C ALA F 103 47.56 7.93 -3.10
N LEU F 104 48.33 7.92 -2.01
CA LEU F 104 48.97 9.13 -1.54
C LEU F 104 49.95 9.69 -2.55
N LYS F 105 50.55 8.82 -3.37
CA LYS F 105 51.49 9.25 -4.40
C LYS F 105 50.74 9.86 -5.58
N LYS F 106 49.42 9.76 -5.56
CA LYS F 106 48.58 10.31 -6.62
C LYS F 106 47.96 11.61 -6.14
N CYS F 107 47.92 11.79 -4.82
CA CYS F 107 47.35 12.97 -4.20
C CYS F 107 47.80 13.03 -2.75
N SER F 108 48.84 13.80 -2.47
CA SER F 108 49.36 13.91 -1.11
C SER F 108 48.37 14.54 -0.16
N ASN F 109 47.41 15.30 -0.69
CA ASN F 109 46.42 15.94 0.16
C ASN F 109 45.22 15.03 0.43
N LEU F 110 45.39 13.75 0.13
CA LEU F 110 44.34 12.76 0.33
C LEU F 110 44.04 12.62 1.82
N ILE F 111 42.76 12.68 2.18
CA ILE F 111 42.36 12.54 3.59
C ILE F 111 41.82 11.13 3.82
N PRO F 112 42.70 10.17 4.12
CA PRO F 112 42.24 8.80 4.36
C PRO F 112 41.60 8.66 5.73
N ILE F 113 40.41 8.09 5.77
CA ILE F 113 39.70 7.89 7.03
C ILE F 113 39.37 6.42 7.20
N HIS F 114 39.85 5.83 8.28
CA HIS F 114 39.62 4.42 8.56
C HIS F 114 38.27 4.17 9.21
N THR F 115 37.63 3.08 8.80
CA THR F 115 36.33 2.70 9.34
C THR F 115 36.39 2.48 10.85
N ALA F 116 35.22 2.38 11.47
CA ALA F 116 35.15 2.15 12.91
C ALA F 116 35.46 0.68 13.16
N VAL F 117 35.99 0.35 14.34
CA VAL F 117 36.33 -1.04 14.64
C VAL F 117 36.14 -1.45 16.09
N PHE F 118 35.98 -2.75 16.31
CA PHE F 118 35.84 -3.29 17.66
C PHE F 118 37.25 -3.71 18.08
N LYS F 119 37.51 -3.73 19.38
CA LYS F 119 38.82 -4.14 19.87
C LYS F 119 38.63 -5.48 20.58
N LYS F 120 39.54 -6.42 20.34
CA LYS F 120 39.43 -7.73 20.97
C LYS F 120 39.24 -7.59 22.47
N GLY F 121 38.08 -8.01 22.96
CA GLY F 121 37.81 -7.93 24.38
C GLY F 121 36.77 -6.89 24.75
N GLU F 122 36.57 -5.89 23.89
CA GLU F 122 35.57 -4.85 24.14
C GLU F 122 34.27 -5.17 23.42
N ASP F 123 33.14 -4.78 24.01
CA ASP F 123 31.84 -5.03 23.40
C ASP F 123 31.22 -3.78 22.79
N PHE F 124 32.06 -2.95 22.18
CA PHE F 124 31.60 -1.71 21.55
C PHE F 124 32.62 -1.30 20.52
N TRP F 125 32.17 -0.81 19.37
CA TRP F 125 33.10 -0.37 18.34
C TRP F 125 33.49 1.08 18.58
N GLN F 126 34.49 1.56 17.86
CA GLN F 126 34.93 2.93 18.02
C GLN F 126 35.65 3.47 16.79
N TYR F 127 35.68 4.80 16.68
CA TYR F 127 36.33 5.48 15.57
C TYR F 127 37.69 6.01 16.04
N HIS F 128 38.77 5.46 15.49
CA HIS F 128 40.11 5.88 15.86
C HIS F 128 40.69 6.88 14.87
N ASP F 129 40.04 8.04 14.75
CA ASP F 129 40.48 9.08 13.83
C ASP F 129 41.92 9.51 14.09
N GLY F 130 42.64 9.78 13.01
CA GLY F 130 44.03 10.20 13.12
C GLY F 130 44.93 8.97 13.12
N CYS F 131 44.32 7.81 13.30
CA CYS F 131 45.05 6.55 13.32
C CYS F 131 44.88 5.83 11.99
N GLY F 132 45.84 4.99 11.64
CA GLY F 132 45.79 4.25 10.38
C GLY F 132 47.19 3.85 9.95
N SER F 133 47.30 2.76 9.19
CA SER F 133 48.59 2.27 8.73
C SER F 133 49.45 3.28 7.98
N TRP F 134 48.82 4.26 7.34
CA TRP F 134 49.56 5.28 6.59
C TRP F 134 50.20 6.29 7.53
N VAL F 135 49.91 6.16 8.83
CA VAL F 135 50.46 7.05 9.83
C VAL F 135 51.85 6.61 10.26
N GLN F 136 52.77 7.56 10.32
CA GLN F 136 54.15 7.28 10.70
C GLN F 136 54.27 6.79 12.14
N ASP F 137 53.74 7.58 13.08
CA ASP F 137 53.78 7.23 14.50
C ASP F 137 53.39 5.76 14.69
N PRO F 138 54.30 4.94 15.24
CA PRO F 138 54.08 3.51 15.49
C PRO F 138 53.11 3.18 16.63
N ALA F 139 52.44 4.21 17.14
CA ALA F 139 51.48 4.01 18.23
C ALA F 139 50.06 4.31 17.77
N LYS F 140 49.94 5.11 16.70
CA LYS F 140 48.64 5.47 16.15
C LYS F 140 48.21 4.44 15.09
N GLN F 141 48.69 3.22 15.23
CA GLN F 141 48.36 2.15 14.28
C GLN F 141 47.15 1.35 14.74
N ILE F 142 46.40 0.81 13.78
CA ILE F 142 45.22 0.00 14.08
C ILE F 142 45.46 -1.41 13.53
N SER F 143 46.22 -2.20 14.28
CA SER F 143 46.54 -3.57 13.88
C SER F 143 45.30 -4.37 13.54
N VAL F 144 45.37 -5.12 12.45
CA VAL F 144 44.26 -5.96 12.02
C VAL F 144 44.33 -7.25 12.82
N GLU F 145 45.24 -7.28 13.78
CA GLU F 145 45.44 -8.45 14.61
C GLU F 145 44.43 -8.53 15.74
N ASP F 146 44.17 -7.40 16.39
CA ASP F 146 43.22 -7.36 17.51
C ASP F 146 42.03 -6.44 17.24
N HIS F 147 41.74 -6.22 15.96
CA HIS F 147 40.62 -5.36 15.60
C HIS F 147 39.78 -5.96 14.49
N LYS F 148 38.51 -5.59 14.45
CA LYS F 148 37.58 -6.08 13.45
C LYS F 148 36.72 -4.93 12.98
N VAL F 149 36.74 -4.67 11.67
CA VAL F 149 35.96 -3.58 11.08
C VAL F 149 34.48 -3.65 11.42
N SER F 150 33.86 -2.48 11.59
CA SER F 150 32.44 -2.37 11.88
C SER F 150 31.77 -1.54 10.81
N LEU F 151 30.54 -1.88 10.45
CA LEU F 151 29.82 -1.15 9.42
C LEU F 151 28.51 -0.54 9.90
N GLU F 152 28.27 -0.60 11.21
CA GLU F 152 27.04 -0.05 11.74
C GLU F 152 26.87 1.39 11.25
N PRO F 153 27.93 2.21 11.35
CA PRO F 153 27.85 3.61 10.90
C PRO F 153 27.21 3.72 9.54
N TYR F 154 27.63 2.85 8.63
CA TYR F 154 27.13 2.84 7.27
C TYR F 154 25.70 2.34 7.21
N ARG F 155 25.37 1.38 8.05
CA ARG F 155 24.00 0.87 8.08
C ARG F 155 23.12 1.92 8.74
N ARG F 156 23.59 2.48 9.84
CA ARG F 156 22.85 3.51 10.57
C ARG F 156 22.39 4.59 9.59
N GLU F 157 23.30 5.05 8.74
CA GLU F 157 22.98 6.09 7.77
C GLU F 157 22.08 5.58 6.67
N SER F 158 22.39 4.41 6.13
CA SER F 158 21.57 3.83 5.07
C SER F 158 20.10 3.87 5.44
N ARG F 159 19.78 3.46 6.67
CA ARG F 159 18.40 3.45 7.12
C ARG F 159 17.77 4.85 7.15
N LYS F 160 18.53 5.84 7.60
CA LYS F 160 18.02 7.21 7.65
C LYS F 160 17.47 7.61 6.28
N ALA F 161 18.31 7.47 5.26
CA ALA F 161 17.93 7.81 3.91
C ALA F 161 16.66 7.06 3.55
N LEU F 162 16.61 5.79 3.92
CA LEU F 162 15.44 4.97 3.60
C LEU F 162 14.19 5.57 4.23
N LYS F 163 14.30 5.97 5.49
CA LYS F 163 13.18 6.58 6.22
C LYS F 163 12.73 7.83 5.48
N ILE F 164 13.69 8.55 4.93
CA ILE F 164 13.37 9.76 4.20
C ILE F 164 12.65 9.40 2.91
N PHE F 165 12.92 8.20 2.40
CA PHE F 165 12.30 7.73 1.17
C PHE F 165 10.87 7.27 1.41
N LYS F 166 10.71 6.28 2.30
CA LYS F 166 9.40 5.74 2.62
C LYS F 166 8.39 6.83 2.96
N SER F 167 8.88 8.03 3.23
CA SER F 167 8.01 9.15 3.58
C SER F 167 7.55 9.93 2.37
N ALA F 168 8.12 9.63 1.21
CA ALA F 168 7.75 10.33 -0.01
C ALA F 168 7.22 9.35 -1.06
N CYS F 169 7.32 8.06 -0.77
CA CYS F 169 6.85 7.04 -1.71
C CYS F 169 6.21 5.86 -0.97
N ASP F 170 5.00 5.48 -1.36
CA ASP F 170 4.29 4.39 -0.71
C ASP F 170 4.92 3.02 -1.00
N LEU F 171 5.63 2.90 -2.11
CA LEU F 171 6.27 1.63 -2.47
C LEU F 171 7.76 1.83 -2.72
N VAL F 172 8.58 1.36 -1.79
CA VAL F 172 10.03 1.49 -1.90
C VAL F 172 10.79 0.19 -1.64
N GLU F 173 11.55 -0.27 -2.63
CA GLU F 173 12.34 -1.49 -2.50
C GLU F 173 13.78 -1.12 -2.16
N ARG F 174 14.40 -1.90 -1.28
CA ARG F 174 15.78 -1.64 -0.89
C ARG F 174 16.74 -2.58 -1.62
N ALA F 175 17.33 -2.06 -2.70
CA ALA F 175 18.26 -2.82 -3.52
C ALA F 175 19.48 -3.33 -2.76
N SER F 176 20.10 -2.43 -1.99
CA SER F 176 21.27 -2.78 -1.21
C SER F 176 21.47 -1.74 -0.13
N ILE F 177 22.62 -1.74 0.51
CA ILE F 177 22.87 -0.79 1.57
C ILE F 177 22.76 0.65 1.09
N ASP F 178 23.19 0.92 -0.14
CA ASP F 178 23.13 2.29 -0.66
C ASP F 178 22.17 2.51 -1.82
N GLU F 179 21.34 1.53 -2.14
CA GLU F 179 20.42 1.68 -3.27
C GLU F 179 18.97 1.40 -2.91
N VAL F 180 18.05 1.97 -3.67
CA VAL F 180 16.62 1.77 -3.48
C VAL F 180 15.86 2.09 -4.76
N PHE F 181 14.78 1.34 -5.01
CA PHE F 181 13.94 1.57 -6.19
C PHE F 181 12.69 2.26 -5.68
N LEU F 182 12.05 3.05 -6.55
CA LEU F 182 10.83 3.74 -6.16
C LEU F 182 9.77 3.57 -7.22
N ASP F 183 8.54 3.29 -6.78
CA ASP F 183 7.44 3.12 -7.71
C ASP F 183 6.66 4.42 -7.68
N LEU F 184 7.09 5.38 -8.50
CA LEU F 184 6.44 6.68 -8.54
C LEU F 184 5.08 6.61 -9.24
N GLY F 185 4.45 5.44 -9.19
CA GLY F 185 3.15 5.27 -9.82
C GLY F 185 2.05 6.15 -9.26
N ARG F 186 1.64 5.87 -8.02
CA ARG F 186 0.59 6.63 -7.37
C ARG F 186 0.82 8.14 -7.42
N ILE F 187 2.01 8.57 -7.00
CA ILE F 187 2.35 9.99 -6.99
C ILE F 187 2.18 10.68 -8.34
N CYS F 188 2.58 9.99 -9.41
CA CYS F 188 2.47 10.57 -10.74
C CYS F 188 1.03 10.64 -11.22
N PHE F 189 0.28 9.58 -10.97
CA PHE F 189 -1.13 9.53 -11.38
C PHE F 189 -1.91 10.62 -10.64
N ASN F 190 -1.80 10.65 -9.32
CA ASN F 190 -2.50 11.63 -8.50
C ASN F 190 -2.20 13.05 -8.94
N MET F 191 -0.92 13.29 -9.23
CA MET F 191 -0.50 14.61 -9.68
C MET F 191 -1.15 14.90 -11.03
N LEU F 192 -1.10 13.90 -11.92
CA LEU F 192 -1.68 14.05 -13.26
C LEU F 192 -3.19 14.23 -13.23
N MET F 193 -3.82 13.92 -12.11
CA MET F 193 -5.27 14.02 -12.02
C MET F 193 -5.84 15.03 -11.03
N PHE F 194 -5.28 15.10 -9.82
CA PHE F 194 -5.79 16.00 -8.80
C PHE F 194 -4.91 17.16 -8.31
N ASP F 195 -3.71 17.31 -8.86
CA ASP F 195 -2.83 18.40 -8.43
C ASP F 195 -3.29 19.74 -8.98
N ASN F 196 -3.70 20.64 -8.09
CA ASN F 196 -4.17 21.96 -8.50
C ASN F 196 -3.20 23.06 -8.06
N GLU F 197 -1.92 22.73 -8.03
CA GLU F 197 -0.91 23.70 -7.63
C GLU F 197 0.18 23.84 -8.68
N TYR F 198 0.80 22.72 -9.06
CA TYR F 198 1.87 22.72 -10.04
C TYR F 198 1.65 23.67 -11.20
N GLU F 199 2.68 24.47 -11.49
CA GLU F 199 2.65 25.46 -12.57
C GLU F 199 3.66 25.06 -13.64
N LEU F 200 3.30 25.25 -14.90
CA LEU F 200 4.19 24.92 -16.00
C LEU F 200 5.06 26.12 -16.37
N THR F 201 4.46 27.31 -16.26
CA THR F 201 5.15 28.56 -16.56
C THR F 201 4.36 29.74 -16.01
N GLY F 202 4.44 30.88 -16.68
CA GLY F 202 3.70 32.05 -16.25
C GLY F 202 2.24 31.87 -16.60
N ASP F 203 1.39 31.85 -15.57
CA ASP F 203 -0.05 31.66 -15.75
C ASP F 203 -0.41 30.48 -16.66
N LEU F 204 -0.31 29.28 -16.09
CA LEU F 204 -0.63 28.03 -16.78
C LEU F 204 -0.41 26.84 -15.86
N LYS F 205 -1.44 26.51 -15.08
CA LYS F 205 -1.36 25.40 -14.14
C LYS F 205 -1.87 24.10 -14.77
N LEU F 206 -1.39 22.97 -14.27
CA LEU F 206 -1.80 21.66 -14.78
C LEU F 206 -3.31 21.44 -14.83
N LYS F 207 -4.03 22.08 -13.92
CA LYS F 207 -5.48 21.91 -13.86
C LYS F 207 -6.15 22.43 -15.13
N ASP F 208 -5.43 23.27 -15.86
CA ASP F 208 -5.96 23.84 -17.10
C ASP F 208 -5.37 23.14 -18.32
N ALA F 209 -4.12 22.69 -18.20
CA ALA F 209 -3.44 22.01 -19.30
C ALA F 209 -4.00 20.61 -19.52
N LEU F 210 -4.41 19.95 -18.44
CA LEU F 210 -4.95 18.60 -18.51
C LEU F 210 -6.43 18.55 -18.15
N SER F 211 -7.17 19.59 -18.54
CA SER F 211 -8.60 19.65 -18.25
C SER F 211 -9.35 18.54 -18.96
N ASN F 212 -9.00 18.33 -20.23
CA ASN F 212 -9.63 17.31 -21.06
C ASN F 212 -9.52 15.92 -20.42
N ILE F 213 -8.30 15.48 -20.16
CA ILE F 213 -8.06 14.17 -19.57
C ILE F 213 -8.69 14.03 -18.19
N ARG F 214 -8.59 15.09 -17.39
CA ARG F 214 -9.14 15.07 -16.03
C ARG F 214 -10.66 15.02 -16.04
N GLU F 215 -11.28 15.87 -16.85
CA GLU F 215 -12.73 15.92 -16.94
C GLU F 215 -13.25 14.56 -17.39
N ALA F 216 -12.48 13.90 -18.27
CA ALA F 216 -12.86 12.60 -18.76
C ALA F 216 -12.78 11.57 -17.64
N PHE F 217 -11.75 11.68 -16.80
CA PHE F 217 -11.55 10.76 -15.70
C PHE F 217 -12.73 10.66 -14.75
N ILE F 218 -13.11 11.77 -14.12
CA ILE F 218 -14.25 11.77 -13.20
C ILE F 218 -15.50 11.36 -13.98
N GLY F 219 -15.60 11.86 -15.20
CA GLY F 219 -16.74 11.54 -16.04
C GLY F 219 -17.09 10.07 -16.05
N GLY F 220 -16.08 9.22 -15.93
CA GLY F 220 -16.31 7.78 -15.94
C GLY F 220 -16.73 7.27 -17.30
N ASN F 221 -17.17 8.21 -18.13
CA ASN F 221 -17.62 7.92 -19.49
C ASN F 221 -16.49 7.36 -20.34
N TYR F 222 -16.13 6.10 -20.08
CA TYR F 222 -15.06 5.47 -20.85
C TYR F 222 -14.98 3.99 -20.50
N ASP F 223 -14.54 3.19 -21.48
CA ASP F 223 -14.38 1.76 -21.29
C ASP F 223 -12.91 1.57 -20.93
N ILE F 224 -12.63 0.81 -19.89
CA ILE F 224 -11.25 0.61 -19.46
C ILE F 224 -10.34 0.06 -20.54
N ASN F 225 -10.81 0.07 -21.78
CA ASN F 225 -10.01 -0.42 -22.90
C ASN F 225 -9.87 0.63 -24.00
N SER F 226 -10.56 1.74 -23.84
CA SER F 226 -10.51 2.84 -24.81
C SER F 226 -9.16 3.54 -24.69
N HIS F 227 -8.44 3.65 -25.79
CA HIS F 227 -7.15 4.31 -25.79
C HIS F 227 -7.34 5.75 -25.34
N LEU F 228 -6.50 6.20 -24.40
CA LEU F 228 -6.57 7.56 -23.88
C LEU F 228 -6.52 8.59 -25.02
N PRO F 229 -7.00 9.81 -24.76
CA PRO F 229 -6.98 10.85 -25.79
C PRO F 229 -5.54 11.32 -26.04
N LEU F 230 -5.31 11.99 -27.16
CA LEU F 230 -3.97 12.48 -27.47
C LEU F 230 -3.57 13.54 -26.44
N ILE F 231 -2.33 13.49 -25.98
CA ILE F 231 -1.89 14.48 -25.00
C ILE F 231 -2.19 15.86 -25.54
N PRO F 232 -2.74 16.75 -24.70
CA PRO F 232 -3.08 18.12 -25.08
C PRO F 232 -1.86 18.95 -25.45
N GLU F 233 -1.92 19.59 -26.60
CA GLU F 233 -0.83 20.42 -27.11
C GLU F 233 -0.20 21.26 -26.01
N LYS F 234 -1.00 21.63 -25.02
CA LYS F 234 -0.53 22.46 -23.91
C LYS F 234 0.40 21.76 -22.92
N ILE F 235 0.30 20.45 -22.81
CA ILE F 235 1.14 19.70 -21.87
C ILE F 235 2.60 19.62 -22.31
N LYS F 236 2.85 19.86 -23.59
CA LYS F 236 4.21 19.78 -24.10
C LYS F 236 5.19 20.75 -23.44
N SER F 237 4.65 21.73 -22.72
CA SER F 237 5.49 22.71 -22.04
C SER F 237 5.79 22.22 -20.62
N LEU F 238 5.78 20.90 -20.46
CA LEU F 238 6.06 20.28 -19.18
C LEU F 238 7.54 19.91 -19.16
N LYS F 239 8.31 20.60 -18.33
CA LYS F 239 9.75 20.36 -18.27
C LYS F 239 10.17 19.11 -17.52
N PHE F 240 11.22 18.47 -18.03
CA PHE F 240 11.77 17.28 -17.39
C PHE F 240 12.81 17.77 -16.40
N GLU F 241 13.03 17.00 -15.35
CA GLU F 241 14.02 17.36 -14.36
C GLU F 241 15.17 16.37 -14.47
N GLY F 242 16.30 16.85 -14.97
CA GLY F 242 17.47 16.01 -15.12
C GLY F 242 17.81 15.84 -16.59
N ASP F 243 18.88 15.13 -16.88
CA ASP F 243 19.28 14.91 -18.26
C ASP F 243 18.37 13.86 -18.88
N VAL F 244 17.84 14.19 -20.06
CA VAL F 244 16.97 13.28 -20.78
C VAL F 244 17.76 12.68 -21.92
N PHE F 245 18.09 11.40 -21.80
CA PHE F 245 18.85 10.70 -22.82
C PHE F 245 18.07 10.81 -24.12
N ASN F 246 18.61 11.55 -25.08
CA ASN F 246 17.95 11.77 -26.35
C ASN F 246 18.99 12.10 -27.44
N PRO F 247 19.82 11.11 -27.80
CA PRO F 247 20.84 11.32 -28.82
C PRO F 247 20.29 11.69 -30.19
N GLU F 248 19.18 11.06 -30.59
CA GLU F 248 18.58 11.34 -31.89
C GLU F 248 17.73 12.60 -31.89
N GLY F 249 17.60 13.22 -30.72
CA GLY F 249 16.83 14.44 -30.62
C GLY F 249 15.34 14.31 -30.87
N ARG F 250 14.72 13.25 -30.35
CA ARG F 250 13.29 13.06 -30.52
C ARG F 250 12.60 14.10 -29.63
N ASP F 251 11.33 14.39 -29.89
CA ASP F 251 10.60 15.36 -29.07
C ASP F 251 10.51 14.84 -27.64
N LEU F 252 10.47 15.74 -26.67
CA LEU F 252 10.42 15.35 -25.26
C LEU F 252 9.09 14.79 -24.76
N ILE F 253 7.99 15.42 -25.15
CA ILE F 253 6.68 14.99 -24.73
C ILE F 253 5.76 14.75 -25.91
N THR F 254 5.54 13.47 -26.20
CA THR F 254 4.69 13.07 -27.31
C THR F 254 3.46 12.28 -26.85
N ASP F 255 3.64 11.33 -25.95
CA ASP F 255 2.52 10.54 -25.45
C ASP F 255 2.46 10.65 -23.93
N TRP F 256 1.46 10.01 -23.32
CA TRP F 256 1.29 10.08 -21.87
C TRP F 256 2.44 9.51 -21.04
N ASP F 257 3.00 8.39 -21.49
CA ASP F 257 4.10 7.77 -20.77
C ASP F 257 5.21 8.78 -20.58
N ASP F 258 5.38 9.68 -21.55
CA ASP F 258 6.41 10.71 -21.46
C ASP F 258 5.98 11.74 -20.43
N VAL F 259 4.69 12.07 -20.42
CA VAL F 259 4.15 13.03 -19.47
C VAL F 259 4.35 12.55 -18.05
N ILE F 260 3.90 11.32 -17.77
CA ILE F 260 4.03 10.75 -16.44
C ILE F 260 5.48 10.72 -16.00
N LEU F 261 6.36 10.32 -16.90
CA LEU F 261 7.78 10.23 -16.60
C LEU F 261 8.31 11.61 -16.17
N ALA F 262 7.90 12.65 -16.88
CA ALA F 262 8.31 14.02 -16.55
C ALA F 262 7.94 14.27 -15.10
N LEU F 263 6.64 14.23 -14.81
CA LEU F 263 6.14 14.43 -13.45
C LEU F 263 6.97 13.63 -12.47
N GLY F 264 7.42 12.46 -12.89
CA GLY F 264 8.23 11.61 -12.04
C GLY F 264 9.58 12.25 -11.73
N SER F 265 10.28 12.71 -12.77
CA SER F 265 11.58 13.33 -12.58
C SER F 265 11.42 14.50 -11.62
N GLN F 266 10.31 15.21 -11.76
CA GLN F 266 10.04 16.35 -10.89
C GLN F 266 10.02 15.84 -9.46
N VAL F 267 9.00 15.04 -9.13
CA VAL F 267 8.86 14.47 -7.81
C VAL F 267 10.20 13.93 -7.35
N CYS F 268 10.76 13.06 -8.18
CA CYS F 268 12.04 12.41 -7.89
C CYS F 268 13.14 13.38 -7.49
N LYS F 269 13.16 14.56 -8.10
CA LYS F 269 14.16 15.57 -7.76
C LYS F 269 13.93 16.01 -6.32
N GLY F 270 12.68 16.22 -5.97
CA GLY F 270 12.35 16.62 -4.61
C GLY F 270 12.95 15.65 -3.63
N ILE F 271 12.51 14.39 -3.70
CA ILE F 271 13.01 13.36 -2.80
C ILE F 271 14.53 13.45 -2.64
N ARG F 272 15.25 13.38 -3.76
CA ARG F 272 16.70 13.46 -3.72
C ARG F 272 17.26 14.71 -3.05
N ASP F 273 16.52 15.81 -3.10
CA ASP F 273 16.99 17.04 -2.47
C ASP F 273 16.86 16.96 -0.96
N SER F 274 15.81 16.32 -0.49
CA SER F 274 15.62 16.19 0.94
C SER F 274 16.80 15.41 1.49
N ILE F 275 17.13 14.30 0.85
CA ILE F 275 18.25 13.47 1.29
C ILE F 275 19.46 14.36 1.50
N LYS F 276 19.74 15.20 0.50
CA LYS F 276 20.88 16.10 0.49
C LYS F 276 20.84 17.19 1.58
N ASP F 277 19.64 17.61 1.96
CA ASP F 277 19.47 18.64 2.99
C ASP F 277 19.42 18.06 4.39
N ILE F 278 18.64 16.99 4.55
CA ILE F 278 18.49 16.34 5.83
C ILE F 278 19.76 15.61 6.22
N LEU F 279 20.34 14.86 5.27
CA LEU F 279 21.54 14.10 5.56
C LEU F 279 22.78 14.63 4.82
N GLY F 280 22.57 15.31 3.70
CA GLY F 280 23.68 15.85 2.95
C GLY F 280 24.42 14.84 2.09
N TYR F 281 23.68 13.91 1.47
CA TYR F 281 24.27 12.89 0.62
C TYR F 281 23.86 13.11 -0.83
N THR F 282 24.82 13.04 -1.74
CA THR F 282 24.54 13.21 -3.16
C THR F 282 24.21 11.86 -3.76
N THR F 283 23.29 11.85 -4.72
CA THR F 283 22.88 10.59 -5.32
C THR F 283 22.62 10.67 -6.83
N SER F 284 22.96 9.58 -7.53
CA SER F 284 22.72 9.49 -8.96
C SER F 284 21.35 8.84 -9.06
N CYS F 285 20.57 9.20 -10.07
CA CYS F 285 19.22 8.68 -10.21
C CYS F 285 18.78 8.39 -11.66
N GLY F 286 18.15 7.23 -11.86
CA GLY F 286 17.70 6.86 -13.18
C GLY F 286 16.21 6.58 -13.25
N LEU F 287 15.55 7.13 -14.26
CA LEU F 287 14.11 6.94 -14.43
C LEU F 287 13.79 6.30 -15.77
N SER F 288 12.88 5.34 -15.74
CA SER F 288 12.45 4.63 -16.93
C SER F 288 11.25 3.81 -16.52
N SER F 289 10.81 2.92 -17.39
CA SER F 289 9.67 2.07 -17.07
C SER F 289 10.09 0.68 -16.60
N THR F 290 11.39 0.49 -16.43
CA THR F 290 11.89 -0.81 -16.01
C THR F 290 13.00 -0.71 -14.98
N LYS F 291 12.83 -1.40 -13.85
CA LYS F 291 13.86 -1.39 -12.82
C LYS F 291 15.21 -1.59 -13.50
N ASN F 292 15.32 -2.67 -14.26
CA ASN F 292 16.54 -2.98 -14.98
C ASN F 292 17.11 -1.77 -15.69
N VAL F 293 16.31 -1.19 -16.60
CA VAL F 293 16.76 -0.03 -17.36
C VAL F 293 17.15 1.11 -16.44
N CYS F 294 16.45 1.23 -15.32
CA CYS F 294 16.75 2.27 -14.33
C CYS F 294 18.15 2.07 -13.74
N LYS F 295 18.42 0.84 -13.29
CA LYS F 295 19.69 0.47 -12.71
C LYS F 295 20.84 0.97 -13.57
N LEU F 296 20.68 0.86 -14.89
CA LEU F 296 21.71 1.31 -15.80
C LEU F 296 21.78 2.84 -15.82
N ALA F 297 20.62 3.47 -16.02
CA ALA F 297 20.53 4.92 -16.07
C ALA F 297 21.11 5.64 -14.86
N SER F 298 20.91 5.09 -13.67
CA SER F 298 21.43 5.74 -12.46
C SER F 298 22.95 5.74 -12.46
N ASN F 299 23.53 4.65 -12.95
CA ASN F 299 24.98 4.52 -13.00
C ASN F 299 25.58 5.21 -14.23
N TYR F 300 24.72 5.66 -15.13
CA TYR F 300 25.16 6.33 -16.36
C TYR F 300 25.92 7.62 -16.09
N LYS F 301 25.49 8.40 -15.11
CA LYS F 301 26.17 9.65 -14.80
C LYS F 301 26.36 9.85 -13.30
N LYS F 302 27.61 10.11 -12.89
CA LYS F 302 27.91 10.31 -11.48
C LYS F 302 28.94 11.41 -11.29
N PRO F 303 28.87 12.14 -10.15
CA PRO F 303 27.91 11.98 -9.07
C PRO F 303 26.83 13.07 -9.10
N ASP F 304 25.84 12.92 -8.22
CA ASP F 304 24.76 13.89 -8.14
C ASP F 304 24.21 14.27 -9.51
N ALA F 305 23.47 13.35 -10.11
CA ALA F 305 22.87 13.55 -11.42
C ALA F 305 21.60 12.71 -11.52
N GLN F 306 20.84 12.91 -12.59
CA GLN F 306 19.60 12.17 -12.77
C GLN F 306 19.34 11.94 -14.24
N THR F 307 19.56 10.73 -14.72
CA THR F 307 19.33 10.40 -16.13
C THR F 307 17.88 9.95 -16.37
N ILE F 308 17.34 10.30 -17.54
CA ILE F 308 15.97 9.92 -17.89
C ILE F 308 15.86 9.26 -19.27
N VAL F 309 15.46 7.99 -19.28
CA VAL F 309 15.33 7.26 -20.53
C VAL F 309 13.88 7.05 -20.95
N LYS F 310 13.41 7.88 -21.87
CA LYS F 310 12.05 7.74 -22.35
C LYS F 310 11.92 6.38 -23.02
N ASN F 311 10.70 5.86 -23.10
CA ASN F 311 10.49 4.56 -23.73
C ASN F 311 10.91 4.59 -25.20
N ASP F 312 10.77 5.74 -25.83
CA ASP F 312 11.14 5.88 -27.24
C ASP F 312 12.63 6.17 -27.39
N CYS F 313 13.40 5.88 -26.34
CA CYS F 313 14.84 6.10 -26.32
C CYS F 313 15.54 4.89 -25.70
N LEU F 314 14.76 3.90 -25.30
CA LEU F 314 15.27 2.69 -24.68
C LEU F 314 16.32 1.99 -25.53
N LEU F 315 16.05 1.86 -26.82
CA LEU F 315 16.98 1.20 -27.72
C LEU F 315 18.21 2.08 -27.94
N ASP F 316 17.99 3.37 -28.17
CA ASP F 316 19.07 4.31 -28.39
C ASP F 316 19.98 4.29 -27.16
N PHE F 317 19.36 4.11 -25.99
CA PHE F 317 20.09 4.08 -24.73
C PHE F 317 20.85 2.76 -24.55
N LEU F 318 20.17 1.65 -24.78
CA LEU F 318 20.77 0.33 -24.65
C LEU F 318 21.89 0.07 -25.66
N ASP F 319 21.89 0.84 -26.76
CA ASP F 319 22.91 0.66 -27.77
C ASP F 319 23.88 1.85 -27.85
N CYS F 320 23.80 2.75 -26.87
CA CYS F 320 24.68 3.92 -26.88
C CYS F 320 26.14 3.50 -26.92
N GLY F 321 26.39 2.24 -26.58
CA GLY F 321 27.75 1.72 -26.62
C GLY F 321 28.44 1.60 -25.28
N LYS F 322 27.69 1.33 -24.23
CA LYS F 322 28.27 1.20 -22.88
C LYS F 322 27.83 -0.03 -22.11
N PHE F 323 26.68 -0.59 -22.44
CA PHE F 323 26.21 -1.76 -21.70
C PHE F 323 26.12 -2.99 -22.56
N GLU F 324 26.74 -4.07 -22.11
CA GLU F 324 26.67 -5.34 -22.83
C GLU F 324 25.58 -6.10 -22.10
N ILE F 325 25.31 -7.34 -22.51
CA ILE F 325 24.28 -8.12 -21.84
C ILE F 325 24.64 -8.38 -20.39
N THR F 326 25.94 -8.35 -20.09
CA THR F 326 26.42 -8.60 -18.73
C THR F 326 26.12 -7.44 -17.78
N SER F 327 25.93 -6.25 -18.34
CA SER F 327 25.65 -5.05 -17.54
C SER F 327 24.32 -5.04 -16.81
N PHE F 328 23.47 -6.03 -17.07
CA PHE F 328 22.16 -6.05 -16.41
C PHE F 328 22.18 -6.55 -14.97
N TRP F 329 21.02 -6.48 -14.34
CA TRP F 329 20.85 -6.90 -12.95
C TRP F 329 21.12 -8.38 -12.79
N THR F 330 20.06 -9.18 -12.90
CA THR F 330 20.16 -10.62 -12.78
C THR F 330 21.33 -11.21 -13.58
N LEU F 331 21.37 -10.93 -14.88
CA LEU F 331 22.44 -11.42 -15.73
C LEU F 331 23.62 -10.48 -15.67
N GLY F 332 24.50 -10.67 -14.69
CA GLY F 332 25.65 -9.79 -14.57
C GLY F 332 26.97 -10.45 -14.26
N GLY F 333 26.97 -11.40 -13.33
CA GLY F 333 28.21 -12.06 -12.96
C GLY F 333 28.63 -13.23 -13.83
N VAL F 334 28.95 -14.34 -13.17
CA VAL F 334 29.38 -15.56 -13.86
C VAL F 334 28.33 -15.99 -14.90
N LEU F 335 27.06 -15.88 -14.54
CA LEU F 335 25.98 -16.24 -15.44
C LEU F 335 26.10 -15.44 -16.72
N GLY F 336 26.62 -14.21 -16.58
CA GLY F 336 26.78 -13.33 -17.73
C GLY F 336 27.69 -13.92 -18.79
N LYS F 337 28.96 -14.11 -18.46
CA LYS F 337 29.92 -14.67 -19.42
C LYS F 337 29.40 -15.96 -20.01
N GLU F 338 28.81 -16.81 -19.17
CA GLU F 338 28.30 -18.08 -19.66
C GLU F 338 27.34 -17.85 -20.81
N LEU F 339 26.46 -16.86 -20.67
CA LEU F 339 25.52 -16.52 -21.72
C LEU F 339 26.32 -16.02 -22.91
N ILE F 340 27.29 -15.14 -22.65
CA ILE F 340 28.15 -14.58 -23.68
C ILE F 340 28.65 -15.73 -24.55
N ASP F 341 28.89 -16.87 -23.92
CA ASP F 341 29.36 -18.05 -24.61
C ASP F 341 28.21 -18.86 -25.19
N VAL F 342 27.32 -19.32 -24.31
CA VAL F 342 26.17 -20.13 -24.70
C VAL F 342 25.26 -19.48 -25.76
N LEU F 343 25.67 -18.33 -26.29
CA LEU F 343 24.87 -17.65 -27.32
C LEU F 343 25.76 -16.99 -28.35
N ASP F 344 27.03 -17.36 -28.35
CA ASP F 344 27.99 -16.79 -29.29
C ASP F 344 27.77 -15.28 -29.32
N LEU F 345 27.35 -14.73 -28.19
CA LEU F 345 27.12 -13.30 -28.11
C LEU F 345 28.41 -12.56 -28.36
N PRO F 346 28.36 -11.50 -29.19
CA PRO F 346 29.55 -10.71 -29.52
C PRO F 346 30.14 -10.04 -28.29
N HIS F 347 31.44 -9.82 -28.29
CA HIS F 347 32.10 -9.19 -27.15
C HIS F 347 31.81 -7.68 -27.11
N GLU F 348 30.94 -7.23 -28.01
CA GLU F 348 30.54 -5.82 -28.09
C GLU F 348 29.17 -5.75 -28.75
N ASN F 349 28.30 -4.90 -28.23
CA ASN F 349 26.94 -4.76 -28.78
C ASN F 349 26.17 -6.06 -28.69
N SER F 350 26.32 -6.77 -27.58
CA SER F 350 25.62 -8.03 -27.40
C SER F 350 24.11 -7.85 -27.31
N ILE F 351 23.67 -6.75 -26.72
CA ILE F 351 22.24 -6.46 -26.57
C ILE F 351 21.59 -6.37 -27.94
N LYS F 352 22.21 -5.57 -28.82
CA LYS F 352 21.71 -5.38 -30.17
C LYS F 352 21.66 -6.72 -30.90
N HIS F 353 22.66 -7.54 -30.66
CA HIS F 353 22.75 -8.85 -31.28
C HIS F 353 21.63 -9.79 -30.82
N ILE F 354 21.24 -9.68 -29.55
CA ILE F 354 20.16 -10.52 -29.03
C ILE F 354 18.85 -10.02 -29.61
N ARG F 355 18.83 -8.75 -30.00
CA ARG F 355 17.62 -8.12 -30.56
C ARG F 355 17.48 -8.35 -32.05
N GLU F 356 18.62 -8.44 -32.75
CA GLU F 356 18.61 -8.66 -34.19
C GLU F 356 18.44 -10.14 -34.56
N THR F 357 19.37 -10.96 -34.08
CA THR F 357 19.37 -12.40 -34.33
C THR F 357 18.02 -13.07 -34.18
N TRP F 358 17.40 -12.88 -33.02
CA TRP F 358 16.08 -13.46 -32.71
C TRP F 358 15.05 -12.34 -32.63
N PRO F 359 14.58 -11.83 -33.78
CA PRO F 359 13.59 -10.75 -33.87
C PRO F 359 12.12 -11.08 -33.54
N ASP F 360 11.44 -11.75 -34.47
CA ASP F 360 10.03 -12.11 -34.30
C ASP F 360 9.52 -12.20 -32.86
N ASN F 361 9.94 -13.23 -32.13
CA ASN F 361 9.50 -13.39 -30.75
C ASN F 361 10.55 -14.08 -29.88
N ALA F 362 10.20 -14.34 -28.63
CA ALA F 362 11.10 -15.00 -27.70
C ALA F 362 11.19 -16.49 -28.03
N GLY F 363 10.16 -17.02 -28.66
CA GLY F 363 10.13 -18.43 -29.01
C GLY F 363 11.37 -18.84 -29.80
N GLN F 364 11.86 -17.94 -30.64
CA GLN F 364 13.03 -18.22 -31.46
C GLN F 364 14.28 -18.32 -30.59
N LEU F 365 14.24 -17.71 -29.42
CA LEU F 365 15.39 -17.74 -28.51
C LEU F 365 15.32 -19.00 -27.67
N LYS F 366 14.11 -19.47 -27.39
CA LYS F 366 13.94 -20.69 -26.61
C LYS F 366 14.52 -21.85 -27.40
N GLU F 367 14.02 -22.02 -28.62
CA GLU F 367 14.48 -23.09 -29.50
C GLU F 367 15.92 -22.88 -30.00
N PHE F 368 16.77 -22.39 -29.11
CA PHE F 368 18.17 -22.17 -29.44
C PHE F 368 18.97 -22.63 -28.23
N LEU F 369 18.52 -22.23 -27.05
CA LEU F 369 19.18 -22.63 -25.81
C LEU F 369 18.92 -24.12 -25.61
N ASP F 370 17.93 -24.66 -26.32
CA ASP F 370 17.61 -26.07 -26.23
C ASP F 370 18.79 -26.92 -26.66
N ALA F 371 19.15 -26.80 -27.93
CA ALA F 371 20.26 -27.56 -28.48
C ALA F 371 21.61 -27.02 -28.02
N LYS F 372 21.68 -25.71 -27.79
CA LYS F 372 22.93 -25.10 -27.36
C LYS F 372 23.42 -25.65 -26.02
N VAL F 373 22.52 -26.25 -25.26
CA VAL F 373 22.88 -26.84 -23.96
C VAL F 373 22.97 -28.35 -24.08
N LYS F 374 22.65 -28.87 -25.26
CA LYS F 374 22.69 -30.31 -25.50
C LYS F 374 23.96 -30.77 -26.21
N GLN F 375 24.99 -29.93 -26.23
CA GLN F 375 26.25 -30.28 -26.87
C GLN F 375 27.39 -30.46 -25.88
N SER F 376 28.61 -30.64 -26.37
CA SER F 376 29.77 -30.86 -25.51
C SER F 376 30.55 -29.63 -25.05
N ASP F 377 29.87 -28.51 -24.87
CA ASP F 377 30.53 -27.29 -24.41
C ASP F 377 29.88 -26.81 -23.11
N TYR F 378 28.70 -27.36 -22.82
CA TYR F 378 27.96 -26.98 -21.63
C TYR F 378 28.45 -27.67 -20.36
N ASP F 379 27.54 -28.40 -19.71
CA ASP F 379 27.78 -29.15 -18.46
C ASP F 379 27.02 -28.48 -17.32
N ARG F 380 25.93 -29.12 -16.89
CA ARG F 380 25.08 -28.60 -15.82
C ARG F 380 25.78 -28.36 -14.49
N SER F 381 27.09 -28.56 -14.45
CA SER F 381 27.85 -28.37 -13.22
C SER F 381 28.17 -26.88 -13.04
N THR F 382 29.27 -26.44 -13.63
CA THR F 382 29.68 -25.04 -13.54
C THR F 382 28.79 -24.19 -14.43
N SER F 383 27.47 -24.32 -14.23
CA SER F 383 26.50 -23.57 -15.00
C SER F 383 25.45 -22.95 -14.08
N ASN F 384 24.86 -21.83 -14.52
CA ASN F 384 23.85 -21.15 -13.74
C ASN F 384 22.53 -21.10 -14.49
N ILE F 385 22.45 -21.89 -15.56
CA ILE F 385 21.25 -21.96 -16.39
C ILE F 385 20.38 -23.11 -15.89
N ASP F 386 19.24 -23.33 -16.53
CA ASP F 386 18.33 -24.40 -16.14
C ASP F 386 17.57 -24.88 -17.38
N PRO F 387 18.19 -25.79 -18.17
CA PRO F 387 17.60 -26.35 -19.38
C PRO F 387 16.12 -26.68 -19.30
N LEU F 388 15.61 -26.78 -18.07
CA LEU F 388 14.19 -27.09 -17.86
C LEU F 388 13.41 -25.79 -17.78
N LYS F 389 13.92 -24.86 -16.97
CA LYS F 389 13.28 -23.56 -16.78
C LYS F 389 13.79 -22.58 -17.84
N THR F 390 14.29 -23.14 -18.95
CA THR F 390 14.83 -22.32 -20.04
C THR F 390 13.72 -21.54 -20.75
N ALA F 391 12.47 -21.81 -20.39
CA ALA F 391 11.34 -21.13 -21.01
C ALA F 391 11.29 -19.66 -20.57
N ASP F 392 11.58 -19.43 -19.29
CA ASP F 392 11.56 -18.08 -18.72
C ASP F 392 12.73 -17.20 -19.14
N LEU F 393 13.89 -17.81 -19.37
CA LEU F 393 15.08 -17.06 -19.77
C LEU F 393 14.95 -16.43 -21.16
N ALA F 394 14.34 -17.16 -22.09
CA ALA F 394 14.15 -16.67 -23.44
C ALA F 394 13.14 -15.53 -23.40
N GLU F 395 12.03 -15.76 -22.71
CA GLU F 395 10.99 -14.74 -22.59
C GLU F 395 11.57 -13.53 -21.87
N LYS F 396 12.67 -13.74 -21.16
CA LYS F 396 13.35 -12.69 -20.42
C LYS F 396 14.34 -11.98 -21.32
N LEU F 397 15.49 -12.61 -21.55
CA LEU F 397 16.55 -12.06 -22.41
C LEU F 397 15.97 -11.29 -23.59
N PHE F 398 14.88 -11.81 -24.15
CA PHE F 398 14.23 -11.16 -25.28
C PHE F 398 13.83 -9.74 -24.91
N LYS F 399 12.84 -9.60 -24.05
CA LYS F 399 12.39 -8.27 -23.63
C LYS F 399 13.46 -7.50 -22.86
N LEU F 400 14.19 -8.22 -22.03
CA LEU F 400 15.25 -7.61 -21.24
C LEU F 400 16.13 -6.74 -22.14
N SER F 401 16.20 -7.07 -23.42
CA SER F 401 17.02 -6.31 -24.36
C SER F 401 16.22 -5.29 -25.15
N ARG F 402 15.16 -4.76 -24.54
CA ARG F 402 14.31 -3.77 -25.18
C ARG F 402 13.73 -2.88 -24.10
N GLY F 403 14.43 -2.84 -22.96
CA GLY F 403 13.97 -2.04 -21.84
C GLY F 403 12.52 -2.29 -21.53
N ARG F 404 12.08 -3.54 -21.70
CA ARG F 404 10.69 -3.89 -21.42
C ARG F 404 10.53 -5.16 -20.58
N TYR F 405 11.45 -5.39 -19.65
CA TYR F 405 11.36 -6.55 -18.77
C TYR F 405 11.00 -6.04 -17.37
N GLY F 406 9.74 -5.73 -17.16
CA GLY F 406 9.31 -5.20 -15.89
C GLY F 406 9.12 -6.15 -14.72
N LEU F 407 10.02 -6.04 -13.74
CA LEU F 407 9.94 -6.86 -12.53
C LEU F 407 9.34 -5.98 -11.43
N PRO F 408 8.37 -6.51 -10.69
CA PRO F 408 7.73 -5.74 -9.62
C PRO F 408 8.67 -5.46 -8.46
N LEU F 409 8.29 -4.52 -7.61
CA LEU F 409 9.07 -4.17 -6.43
C LEU F 409 8.62 -5.06 -5.28
N SER F 410 9.54 -5.86 -4.73
CA SER F 410 9.20 -6.75 -3.63
C SER F 410 10.25 -6.77 -2.53
N SER F 411 9.79 -6.84 -1.29
CA SER F 411 10.65 -6.86 -0.11
C SER F 411 11.61 -8.06 -0.09
N ARG F 412 12.90 -7.78 -0.02
CA ARG F 412 13.96 -8.80 0.03
C ARG F 412 13.65 -9.91 1.04
N PRO F 413 14.02 -11.16 0.72
CA PRO F 413 13.78 -12.31 1.60
C PRO F 413 14.28 -12.16 3.03
N VAL F 414 13.47 -12.65 3.97
CA VAL F 414 13.80 -12.58 5.39
C VAL F 414 15.11 -13.29 5.72
N VAL F 415 15.87 -12.70 6.64
CA VAL F 415 17.15 -13.26 7.06
C VAL F 415 17.04 -14.67 7.65
N LYS F 416 17.70 -15.63 7.01
CA LYS F 416 17.66 -17.00 7.49
C LYS F 416 18.76 -17.22 8.51
N SER F 417 19.85 -16.46 8.39
CA SER F 417 20.98 -16.60 9.30
C SER F 417 21.93 -15.40 9.31
N MET F 418 22.79 -15.37 10.31
CA MET F 418 23.79 -14.31 10.47
C MET F 418 25.01 -14.92 11.15
N MET F 419 26.19 -14.54 10.70
CA MET F 419 27.42 -15.08 11.26
C MET F 419 28.43 -14.00 11.56
N SER F 420 29.47 -14.37 12.30
CA SER F 420 30.53 -13.44 12.65
C SER F 420 31.71 -14.26 13.15
N ASN F 421 32.89 -14.01 12.60
CA ASN F 421 34.09 -14.73 13.02
C ASN F 421 35.36 -13.93 12.78
N LYS F 422 36.46 -14.43 13.33
CA LYS F 422 37.74 -13.79 13.16
C LYS F 422 38.70 -14.85 12.65
N ASN F 423 39.72 -14.42 11.90
CA ASN F 423 40.69 -15.34 11.33
C ASN F 423 41.88 -15.62 12.24
N LEU F 424 42.09 -14.76 13.23
CA LEU F 424 43.17 -14.94 14.19
C LEU F 424 44.53 -15.24 13.55
N ARG F 425 45.31 -14.19 13.31
CA ARG F 425 46.63 -14.34 12.71
C ARG F 425 47.73 -14.30 13.77
N GLY F 426 47.89 -15.41 14.48
CA GLY F 426 48.94 -15.48 15.48
C GLY F 426 48.47 -15.92 16.85
N LYS F 427 49.25 -15.56 17.86
CA LYS F 427 48.95 -15.91 19.25
C LYS F 427 47.75 -15.13 19.79
N SER F 428 47.00 -14.50 18.89
CA SER F 428 45.83 -13.72 19.26
C SER F 428 44.97 -14.48 20.28
N CYS F 429 44.03 -15.28 19.80
CA CYS F 429 43.17 -16.06 20.70
C CYS F 429 43.98 -17.24 21.21
N ASN F 430 44.63 -17.05 22.36
CA ASN F 430 45.50 -18.07 22.94
C ASN F 430 45.01 -18.76 24.22
N SER F 431 43.89 -18.32 24.77
CA SER F 431 43.40 -18.91 26.01
C SER F 431 41.88 -18.92 26.09
N ILE F 432 41.35 -19.59 27.11
CA ILE F 432 39.90 -19.66 27.30
C ILE F 432 39.32 -18.27 27.47
N VAL F 433 40.15 -17.30 27.84
CA VAL F 433 39.69 -15.94 28.02
C VAL F 433 39.62 -15.18 26.70
N ASP F 434 40.63 -15.37 25.85
CA ASP F 434 40.64 -14.69 24.56
C ASP F 434 39.42 -15.07 23.73
N CYS F 435 38.96 -16.31 23.89
CA CYS F 435 37.78 -16.75 23.17
C CYS F 435 36.64 -15.84 23.62
N ILE F 436 36.32 -15.93 24.92
CA ILE F 436 35.27 -15.14 25.52
C ILE F 436 35.36 -13.70 25.02
N SER F 437 36.57 -13.15 25.02
CA SER F 437 36.82 -11.79 24.57
C SER F 437 36.31 -11.57 23.15
N TRP F 438 36.75 -12.42 22.22
CA TRP F 438 36.30 -12.30 20.85
C TRP F 438 34.79 -12.47 20.81
N LEU F 439 34.28 -13.43 21.57
CA LEU F 439 32.85 -13.65 21.61
C LEU F 439 32.14 -12.34 21.97
N GLU F 440 32.72 -11.59 22.91
CA GLU F 440 32.14 -10.31 23.30
C GLU F 440 32.02 -9.46 22.04
N VAL F 441 33.08 -9.44 21.25
CA VAL F 441 33.11 -8.67 20.01
C VAL F 441 32.07 -9.20 19.05
N PHE F 442 32.03 -10.53 18.88
CA PHE F 442 31.07 -11.13 17.97
C PHE F 442 29.62 -10.90 18.38
N CYS F 443 29.27 -11.28 19.59
CA CYS F 443 27.90 -11.08 20.08
C CYS F 443 27.47 -9.65 19.85
N ALA F 444 28.40 -8.73 20.02
CA ALA F 444 28.12 -7.31 19.83
C ALA F 444 27.73 -6.99 18.40
N GLU F 445 28.52 -7.47 17.44
CA GLU F 445 28.24 -7.22 16.02
C GLU F 445 26.95 -7.89 15.58
N LEU F 446 26.57 -8.98 16.25
CA LEU F 446 25.34 -9.69 15.90
C LEU F 446 24.14 -8.93 16.47
N THR F 447 24.24 -8.53 17.73
CA THR F 447 23.18 -7.77 18.38
C THR F 447 22.91 -6.54 17.53
N SER F 448 23.98 -6.00 16.95
CA SER F 448 23.90 -4.82 16.11
C SER F 448 23.03 -5.10 14.89
N ARG F 449 23.32 -6.17 14.17
CA ARG F 449 22.54 -6.51 12.98
C ARG F 449 21.11 -6.93 13.29
N ILE F 450 20.87 -7.43 14.50
CA ILE F 450 19.53 -7.82 14.87
C ILE F 450 18.71 -6.53 14.90
N GLN F 451 19.22 -5.53 15.62
CA GLN F 451 18.57 -4.24 15.73
C GLN F 451 18.20 -3.71 14.35
N ASP F 452 19.21 -3.68 13.47
CA ASP F 452 19.02 -3.19 12.11
C ASP F 452 17.79 -3.83 11.47
N LEU F 453 17.60 -5.12 11.70
CA LEU F 453 16.47 -5.84 11.14
C LEU F 453 15.17 -5.39 11.80
N GLU F 454 15.19 -5.25 13.12
CA GLU F 454 14.01 -4.82 13.85
C GLU F 454 13.53 -3.46 13.37
N GLN F 455 14.34 -2.81 12.55
CA GLN F 455 14.00 -1.49 12.02
C GLN F 455 13.46 -1.59 10.60
N GLU F 456 13.70 -2.72 9.95
CA GLU F 456 13.24 -2.92 8.59
C GLU F 456 11.93 -3.71 8.62
N TYR F 457 11.78 -4.55 9.64
CA TYR F 457 10.59 -5.37 9.81
C TYR F 457 9.62 -4.67 10.75
N ASN F 458 10.16 -3.82 11.62
CA ASN F 458 9.38 -3.10 12.61
C ASN F 458 8.77 -4.13 13.55
N LYS F 459 9.30 -5.34 13.50
CA LYS F 459 8.84 -6.44 14.34
C LYS F 459 9.96 -6.77 15.31
N ILE F 460 9.68 -7.66 16.25
CA ILE F 460 10.66 -8.07 17.24
C ILE F 460 11.35 -9.35 16.76
N VAL F 461 12.68 -9.34 16.71
CA VAL F 461 13.45 -10.49 16.26
C VAL F 461 14.31 -11.12 17.35
N ILE F 462 14.17 -12.43 17.52
CA ILE F 462 14.95 -13.16 18.52
C ILE F 462 15.39 -14.52 17.98
N PRO F 463 16.71 -14.69 17.78
CA PRO F 463 17.26 -15.95 17.27
C PRO F 463 17.03 -17.01 18.34
N ARG F 464 16.80 -18.25 17.92
CA ARG F 464 16.55 -19.33 18.87
C ARG F 464 17.70 -20.33 18.98
N THR F 465 18.64 -20.29 18.04
CA THR F 465 19.76 -21.21 18.07
C THR F 465 21.10 -20.52 17.76
N VAL F 466 22.18 -21.10 18.28
CA VAL F 466 23.52 -20.57 18.07
C VAL F 466 24.51 -21.72 17.81
N SER F 467 25.63 -21.40 17.20
CA SER F 467 26.65 -22.40 16.89
C SER F 467 28.06 -21.82 16.92
N ILE F 468 28.93 -22.42 17.72
CA ILE F 468 30.31 -21.96 17.83
C ILE F 468 31.22 -22.90 17.06
N SER F 469 31.96 -22.36 16.10
CA SER F 469 32.87 -23.15 15.30
C SER F 469 34.29 -22.62 15.50
N LEU F 470 35.28 -23.42 15.13
CA LEU F 470 36.69 -23.01 15.28
C LEU F 470 37.71 -24.04 14.83
N LYS F 471 38.88 -23.55 14.40
CA LYS F 471 39.98 -24.41 14.01
C LYS F 471 41.06 -24.09 15.02
N THR F 472 41.78 -25.10 15.48
CA THR F 472 42.82 -24.91 16.50
C THR F 472 44.25 -24.80 15.97
N LYS F 473 45.20 -24.94 16.89
CA LYS F 473 46.63 -24.88 16.57
C LYS F 473 46.80 -25.82 15.40
N SER F 474 46.41 -27.08 15.62
CA SER F 474 46.44 -28.09 14.57
C SER F 474 45.18 -27.66 13.85
N TYR F 475 45.16 -27.74 12.53
CA TYR F 475 43.99 -27.27 11.81
C TYR F 475 42.75 -28.16 11.85
N GLU F 476 42.52 -28.78 13.01
CA GLU F 476 41.36 -29.64 13.19
C GLU F 476 40.16 -28.72 13.44
N VAL F 477 38.95 -29.28 13.37
CA VAL F 477 37.75 -28.49 13.59
C VAL F 477 36.83 -28.99 14.70
N TYR F 478 36.52 -28.10 15.63
CA TYR F 478 35.64 -28.38 16.75
C TYR F 478 34.44 -27.45 16.59
N ARG F 479 33.25 -27.94 16.91
CA ARG F 479 32.06 -27.11 16.75
C ARG F 479 30.86 -27.65 17.50
N LYS F 480 30.13 -26.75 18.16
CA LYS F 480 28.93 -27.13 18.90
C LYS F 480 27.78 -26.18 18.62
N SER F 481 26.60 -26.75 18.41
CA SER F 481 25.41 -25.96 18.13
C SER F 481 24.37 -26.24 19.19
N GLY F 482 23.69 -25.18 19.65
CA GLY F 482 22.67 -25.36 20.67
C GLY F 482 21.61 -24.27 20.66
N PRO F 483 20.48 -24.50 21.33
CA PRO F 483 19.37 -23.56 21.41
C PRO F 483 19.61 -22.55 22.54
N VAL F 484 18.89 -21.44 22.50
CA VAL F 484 19.02 -20.42 23.53
C VAL F 484 17.66 -20.01 24.09
N ALA F 485 17.60 -19.85 25.41
CA ALA F 485 16.37 -19.45 26.08
C ALA F 485 16.51 -18.04 26.63
N TYR F 486 15.45 -17.26 26.56
CA TYR F 486 15.46 -15.89 27.05
C TYR F 486 14.48 -15.64 28.18
N LYS F 487 14.82 -14.72 29.07
CA LYS F 487 13.97 -14.37 30.21
C LYS F 487 13.85 -12.85 30.30
N GLY F 488 14.86 -12.23 30.93
CA GLY F 488 14.91 -10.79 31.12
C GLY F 488 13.79 -9.94 30.55
N ILE F 489 13.64 -9.99 29.23
CA ILE F 489 12.63 -9.26 28.47
C ILE F 489 13.19 -9.21 27.05
N ASN F 490 13.32 -10.39 26.45
CA ASN F 490 13.85 -10.51 25.10
C ASN F 490 15.19 -9.79 24.94
N PHE F 491 15.95 -9.75 26.03
CA PHE F 491 17.26 -9.11 26.04
C PHE F 491 18.30 -10.02 25.40
N GLN F 492 18.85 -9.60 24.27
CA GLN F 492 19.87 -10.40 23.60
C GLN F 492 21.18 -10.29 24.37
N SER F 493 22.20 -9.75 23.73
CA SER F 493 23.51 -9.57 24.34
C SER F 493 23.83 -10.60 25.43
N HIS F 494 23.83 -10.16 26.68
CA HIS F 494 24.14 -11.03 27.81
C HIS F 494 23.56 -12.44 27.68
N GLU F 495 22.34 -12.52 27.16
CA GLU F 495 21.70 -13.83 26.99
C GLU F 495 22.41 -14.72 25.99
N LEU F 496 22.62 -14.21 24.78
CA LEU F 496 23.29 -14.97 23.74
C LEU F 496 24.71 -15.33 24.17
N LEU F 497 25.53 -14.29 24.37
CA LEU F 497 26.93 -14.47 24.79
C LEU F 497 27.14 -15.59 25.80
N LYS F 498 26.24 -15.70 26.77
CA LYS F 498 26.36 -16.75 27.79
C LYS F 498 26.34 -18.13 27.14
N VAL F 499 25.38 -18.34 26.25
CA VAL F 499 25.25 -19.62 25.56
C VAL F 499 26.51 -19.90 24.75
N GLY F 500 27.16 -18.85 24.28
CA GLY F 500 28.36 -19.02 23.51
C GLY F 500 29.53 -19.36 24.41
N ILE F 501 29.48 -18.89 25.66
CA ILE F 501 30.54 -19.16 26.62
C ILE F 501 30.59 -20.64 26.95
N LYS F 502 29.46 -21.20 27.37
CA LYS F 502 29.44 -22.62 27.70
C LYS F 502 30.09 -23.38 26.57
N PHE F 503 29.58 -23.19 25.35
CA PHE F 503 30.10 -23.83 24.15
C PHE F 503 31.62 -23.68 24.02
N VAL F 504 32.07 -22.44 23.88
CA VAL F 504 33.50 -22.17 23.74
C VAL F 504 34.28 -22.80 24.90
N THR F 505 33.54 -23.35 25.87
CA THR F 505 34.16 -24.01 27.02
C THR F 505 34.01 -25.53 26.89
N ASP F 506 32.84 -25.97 26.42
CA ASP F 506 32.60 -27.39 26.22
C ASP F 506 33.58 -27.89 25.17
N LEU F 507 33.74 -27.11 24.11
CA LEU F 507 34.65 -27.45 23.02
C LEU F 507 36.07 -27.41 23.54
N ASP F 508 36.39 -26.38 24.30
CA ASP F 508 37.71 -26.23 24.88
C ASP F 508 38.06 -27.48 25.69
N ILE F 509 37.05 -28.02 26.35
CA ILE F 509 37.20 -29.21 27.19
C ILE F 509 37.36 -30.49 26.38
N LYS F 510 36.42 -30.75 25.47
CA LYS F 510 36.46 -31.96 24.64
C LYS F 510 37.81 -32.20 23.97
N GLY F 511 38.70 -31.21 24.02
CA GLY F 511 40.01 -31.36 23.41
C GLY F 511 41.11 -30.72 24.21
N LYS F 512 41.51 -31.37 25.31
CA LYS F 512 42.58 -30.84 26.16
C LYS F 512 43.94 -31.40 25.76
N ASN F 513 44.02 -32.72 25.62
CA ASN F 513 45.27 -33.37 25.24
C ASN F 513 45.68 -32.99 23.81
N LYS F 514 44.68 -32.78 22.96
CA LYS F 514 44.93 -32.40 21.59
C LYS F 514 45.55 -31.01 21.53
N SER F 515 46.17 -30.68 20.40
CA SER F 515 46.77 -29.36 20.22
C SER F 515 45.59 -28.43 20.05
N TYR F 516 45.49 -27.41 20.90
CA TYR F 516 44.38 -26.46 20.84
C TYR F 516 44.87 -25.04 20.59
N TYR F 517 45.10 -24.29 21.66
CA TYR F 517 45.56 -22.92 21.54
C TYR F 517 46.99 -22.88 20.99
N PRO F 518 47.33 -21.85 20.21
CA PRO F 518 46.45 -20.75 19.83
C PRO F 518 45.44 -21.21 18.79
N LEU F 519 44.23 -20.66 18.82
CA LEU F 519 43.20 -21.03 17.86
C LEU F 519 43.56 -20.41 16.52
N THR F 520 42.95 -20.92 15.45
CA THR F 520 43.21 -20.40 14.10
C THR F 520 41.98 -19.76 13.48
N LYS F 521 40.82 -20.07 14.03
CA LYS F 521 39.57 -19.52 13.51
C LYS F 521 38.49 -19.65 14.57
N LEU F 522 37.80 -18.55 14.87
CA LEU F 522 36.73 -18.57 15.85
C LEU F 522 35.49 -17.92 15.24
N SER F 523 34.35 -18.58 15.37
CA SER F 523 33.11 -18.05 14.80
C SER F 523 31.84 -18.34 15.59
N MET F 524 30.89 -17.42 15.50
CA MET F 524 29.60 -17.58 16.16
C MET F 524 28.50 -17.28 15.13
N THR F 525 27.54 -18.19 15.03
CA THR F 525 26.44 -18.04 14.09
C THR F 525 25.09 -18.18 14.78
N ILE F 526 24.15 -17.30 14.42
CA ILE F 526 22.80 -17.36 14.98
C ILE F 526 21.86 -17.77 13.85
N THR F 527 20.98 -18.72 14.14
CA THR F 527 20.05 -19.20 13.14
C THR F 527 18.65 -19.30 13.75
N ASN F 528 17.70 -19.77 12.97
CA ASN F 528 16.32 -19.92 13.43
C ASN F 528 15.86 -18.62 14.08
N PHE F 529 15.52 -17.65 13.23
CA PHE F 529 15.02 -16.38 13.72
C PHE F 529 13.51 -16.47 13.84
N ASP F 530 12.98 -16.04 14.97
CA ASP F 530 11.54 -16.08 15.18
C ASP F 530 11.07 -14.64 15.24
N ILE F 531 10.51 -14.15 14.14
CA ILE F 531 10.01 -12.78 14.09
C ILE F 531 8.65 -12.70 14.75
N ILE F 532 8.55 -11.92 15.83
CA ILE F 532 7.30 -11.75 16.56
C ILE F 532 6.92 -10.27 16.61
PT1 CPT G . -39.31 -2.58 3.22
N1 CPT G . -39.80 -3.09 5.10
N2 CPT G . -38.01 -4.05 3.15
PT1 CPT H . 39.42 -9.05 -0.75
N1 CPT H . 39.94 -9.49 -2.60
N2 CPT H . 37.60 -9.72 -1.13
CA CA I . -25.25 4.51 5.08
CA CA J . -25.97 8.47 4.18
PG DTP K . -28.24 9.99 6.33
O1G DTP K . -27.00 9.22 5.93
O2G DTP K . -28.84 9.83 7.67
O3G DTP K . -27.94 11.56 6.10
PB DTP K . -29.31 8.69 4.03
O1B DTP K . -28.30 9.22 3.10
O2B DTP K . -30.68 8.43 3.49
O3B DTP K . -29.40 9.66 5.29
PA DTP K . -28.39 5.91 4.24
O1A DTP K . -27.11 5.42 4.80
O2A DTP K . -29.64 5.10 4.41
O3A DTP K . -28.76 7.39 4.81
O5' DTP K . -28.07 6.12 2.68
C5' DTP K . -29.05 6.58 1.78
C4' DTP K . -29.46 5.54 0.79
O4' DTP K . -30.03 4.42 1.43
C3' DTP K . -30.53 6.07 -0.12
O3' DTP K . -30.03 6.80 -1.17
C2' DTP K . -31.34 4.86 -0.51
C1' DTP K . -31.00 3.81 0.55
N9 DTP K . -32.11 3.39 1.44
C8 DTP K . -31.99 3.20 2.81
N7 DTP K . -33.14 2.83 3.38
C5 DTP K . -34.02 2.78 2.33
C6 DTP K . -35.40 2.45 2.26
N6 DTP K . -36.13 2.10 3.33
N1 DTP K . -36.03 2.50 1.03
C2 DTP K . -35.33 2.85 -0.11
N3 DTP K . -34.00 3.17 -0.11
C4 DTP K . -33.39 3.13 1.12
CA CA L . 25.42 0.29 -5.19
CA CA M . 27.11 3.77 -4.75
PG DTP N . 29.67 5.17 -6.65
O1G DTP N . 30.28 4.08 -7.51
O2G DTP N . 30.23 6.52 -6.67
O3G DTP N . 28.09 5.27 -7.00
PB DTP N . 30.30 3.36 -4.58
O1B DTP N . 30.63 3.55 -3.17
O2B DTP N . 31.40 2.85 -5.45
O3B DTP N . 29.72 4.71 -5.13
PA DTP N . 28.80 0.89 -4.48
O1A DTP N . 27.54 0.39 -5.09
O2A DTP N . 30.12 0.24 -4.80
O3A DTP N . 28.99 2.46 -4.79
O5' DTP N . 28.53 0.85 -2.92
C5' DTP N . 29.53 1.25 -2.03
C4' DTP N . 29.81 0.26 -0.98
O4' DTP N . 30.24 -0.97 -1.51
C3' DTP N . 30.92 0.76 -0.11
O3' DTP N . 30.51 1.57 0.91
C2' DTP N . 31.66 -0.48 0.34
C1' DTP N . 31.19 -1.57 -0.62
N9 DTP N . 32.23 -2.12 -1.51
C8 DTP N . 32.15 -2.16 -2.89
N7 DTP N . 33.24 -2.71 -3.44
C5 DTP N . 34.04 -3.03 -2.39
C6 DTP N . 35.30 -3.64 -2.29
N6 DTP N . 36.02 -4.04 -3.36
N1 DTP N . 35.85 -3.82 -1.04
C2 DTP N . 35.18 -3.43 0.10
N3 DTP N . 33.96 -2.85 0.08
C4 DTP N . 33.42 -2.66 -1.17
#